data_2CUW
# 
_entry.id   2CUW 
# 
_audit_conform.dict_name       mmcif_pdbx.dic 
_audit_conform.dict_version    5.397 
_audit_conform.dict_location   http://mmcif.pdb.org/dictionaries/ascii/mmcif_pdbx.dic 
# 
loop_
_database_2.database_id 
_database_2.database_code 
_database_2.pdbx_database_accession 
_database_2.pdbx_DOI 
PDB   2CUW         pdb_00002cuw 10.2210/pdb2cuw/pdb 
RCSB  RCSB024646   ?            ?                   
WWPDB D_1000024646 ?            ?                   
# 
loop_
_pdbx_audit_revision_history.ordinal 
_pdbx_audit_revision_history.data_content_type 
_pdbx_audit_revision_history.major_revision 
_pdbx_audit_revision_history.minor_revision 
_pdbx_audit_revision_history.revision_date 
1 'Structure model' 1 0 2005-11-30 
2 'Structure model' 1 1 2008-04-30 
3 'Structure model' 1 2 2011-07-13 
4 'Structure model' 1 3 2024-10-16 
# 
_pdbx_audit_revision_details.ordinal             1 
_pdbx_audit_revision_details.revision_ordinal    1 
_pdbx_audit_revision_details.data_content_type   'Structure model' 
_pdbx_audit_revision_details.provider            repository 
_pdbx_audit_revision_details.type                'Initial release' 
_pdbx_audit_revision_details.description         ? 
_pdbx_audit_revision_details.details             ? 
# 
loop_
_pdbx_audit_revision_group.ordinal 
_pdbx_audit_revision_group.revision_ordinal 
_pdbx_audit_revision_group.data_content_type 
_pdbx_audit_revision_group.group 
1 2 'Structure model' 'Version format compliance' 
2 3 'Structure model' 'Derived calculations'      
3 3 'Structure model' 'Version format compliance' 
4 4 'Structure model' 'Data collection'           
5 4 'Structure model' 'Database references'       
6 4 'Structure model' 'Derived calculations'      
7 4 'Structure model' 'Structure summary'         
# 
loop_
_pdbx_audit_revision_category.ordinal 
_pdbx_audit_revision_category.revision_ordinal 
_pdbx_audit_revision_category.data_content_type 
_pdbx_audit_revision_category.category 
1 4 'Structure model' chem_comp_atom            
2 4 'Structure model' chem_comp_bond            
3 4 'Structure model' database_2                
4 4 'Structure model' pdbx_entry_details        
5 4 'Structure model' pdbx_modification_feature 
6 4 'Structure model' struct_conn               
7 4 'Structure model' struct_ref_seq_dif        
# 
loop_
_pdbx_audit_revision_item.ordinal 
_pdbx_audit_revision_item.revision_ordinal 
_pdbx_audit_revision_item.data_content_type 
_pdbx_audit_revision_item.item 
1 4 'Structure model' '_database_2.pdbx_DOI'                
2 4 'Structure model' '_database_2.pdbx_database_accession' 
3 4 'Structure model' '_struct_conn.pdbx_leaving_atom_flag' 
4 4 'Structure model' '_struct_ref_seq_dif.details'         
# 
_pdbx_database_status.status_code                     REL 
_pdbx_database_status.entry_id                        2CUW 
_pdbx_database_status.recvd_initial_deposition_date   2005-05-30 
_pdbx_database_status.deposit_site                    PDBJ 
_pdbx_database_status.process_site                    PDBJ 
_pdbx_database_status.status_code_sf                  REL 
_pdbx_database_status.status_code_mr                  ? 
_pdbx_database_status.SG_entry                        Y 
_pdbx_database_status.pdb_format_compatible           Y 
_pdbx_database_status.status_code_cs                  ? 
_pdbx_database_status.status_code_nmr_data            ? 
_pdbx_database_status.methods_development_category    ? 
# 
_pdbx_database_related.db_name        TargetDB 
_pdbx_database_related.db_id          ttk003001807.1 
_pdbx_database_related.details        . 
_pdbx_database_related.content_type   unspecified 
# 
loop_
_audit_author.name 
_audit_author.pdbx_ordinal 
'Yanai, H.'                                              1 
'Kanagawa, M.'                                           2 
'Sampei, G.'                                             3 
'Kawai, G.'                                              4 
'Yokoyama, S.'                                           5 
'Kuramitsu, S.'                                          6 
'RIKEN Structural Genomics/Proteomics Initiative (RSGI)' 7 
# 
_citation.id                        primary 
_citation.title                     
;Crystal Structure of Thermus thermophilus PurS, One of the Subunits of Formylglycinamide Ribonucleotide Amidotransferase in the Purine Biosynthetic Pathway
;
_citation.journal_abbrev            'To be Published' 
_citation.journal_volume            ? 
_citation.page_first                ? 
_citation.page_last                 ? 
_citation.year                      ? 
_citation.journal_id_ASTM           ? 
_citation.country                   ? 
_citation.journal_id_ISSN           ? 
_citation.journal_id_CSD            0353 
_citation.book_publisher            ? 
_citation.pdbx_database_id_PubMed   ? 
_citation.pdbx_database_id_DOI      ? 
# 
loop_
_citation_author.citation_id 
_citation_author.name 
_citation_author.ordinal 
_citation_author.identifier_ORCID 
primary 'Yanai, H.'     1 ? 
primary 'Kanagawa, M.'  2 ? 
primary 'Sampei, G.'    3 ? 
primary 'Kawai, G.'     4 ? 
primary 'Yokoyama, S.'  5 ? 
primary 'Kuramitsu, S.' 6 ? 
# 
loop_
_entity.id 
_entity.type 
_entity.src_method 
_entity.pdbx_description 
_entity.formula_weight 
_entity.pdbx_number_of_molecules 
_entity.pdbx_ec 
_entity.pdbx_mutation 
_entity.pdbx_fragment 
_entity.details 
1 polymer man PurS  9356.539 1  ? ? ? ? 
2 water   nat water 18.015   35 ? ? ? ? 
# 
_entity_name_com.entity_id   1 
_entity_name_com.name        'hypothetical cytosolic protein' 
# 
_entity_poly.entity_id                      1 
_entity_poly.type                           'polypeptide(L)' 
_entity_poly.nstd_linkage                   no 
_entity_poly.nstd_monomer                   yes 
_entity_poly.pdbx_seq_one_letter_code       
;(MSE)PRYQATLLIELKKGILDPQGRAVEGVLKDLGHPVEEVRVGKVLEIVFPAENLLEAEEKAKA(MSE)GALLANPV
(MSE)EVYALEALKELP
;
_entity_poly.pdbx_seq_one_letter_code_can   
;MPRYQATLLIELKKGILDPQGRAVEGVLKDLGHPVEEVRVGKVLEIVFPAENLLEAEEKAKAMGALLANPVMEVYALEAL
KELP
;
_entity_poly.pdbx_strand_id                 A 
_entity_poly.pdbx_target_identifier         ttk003001807.1 
# 
_pdbx_entity_nonpoly.entity_id   2 
_pdbx_entity_nonpoly.name        water 
_pdbx_entity_nonpoly.comp_id     HOH 
# 
loop_
_entity_poly_seq.entity_id 
_entity_poly_seq.num 
_entity_poly_seq.mon_id 
_entity_poly_seq.hetero 
1 1  MSE n 
1 2  PRO n 
1 3  ARG n 
1 4  TYR n 
1 5  GLN n 
1 6  ALA n 
1 7  THR n 
1 8  LEU n 
1 9  LEU n 
1 10 ILE n 
1 11 GLU n 
1 12 LEU n 
1 13 LYS n 
1 14 LYS n 
1 15 GLY n 
1 16 ILE n 
1 17 LEU n 
1 18 ASP n 
1 19 PRO n 
1 20 GLN n 
1 21 GLY n 
1 22 ARG n 
1 23 ALA n 
1 24 VAL n 
1 25 GLU n 
1 26 GLY n 
1 27 VAL n 
1 28 LEU n 
1 29 LYS n 
1 30 ASP n 
1 31 LEU n 
1 32 GLY n 
1 33 HIS n 
1 34 PRO n 
1 35 VAL n 
1 36 GLU n 
1 37 GLU n 
1 38 VAL n 
1 39 ARG n 
1 40 VAL n 
1 41 GLY n 
1 42 LYS n 
1 43 VAL n 
1 44 LEU n 
1 45 GLU n 
1 46 ILE n 
1 47 VAL n 
1 48 PHE n 
1 49 PRO n 
1 50 ALA n 
1 51 GLU n 
1 52 ASN n 
1 53 LEU n 
1 54 LEU n 
1 55 GLU n 
1 56 ALA n 
1 57 GLU n 
1 58 GLU n 
1 59 LYS n 
1 60 ALA n 
1 61 LYS n 
1 62 ALA n 
1 63 MSE n 
1 64 GLY n 
1 65 ALA n 
1 66 LEU n 
1 67 LEU n 
1 68 ALA n 
1 69 ASN n 
1 70 PRO n 
1 71 VAL n 
1 72 MSE n 
1 73 GLU n 
1 74 VAL n 
1 75 TYR n 
1 76 ALA n 
1 77 LEU n 
1 78 GLU n 
1 79 ALA n 
1 80 LEU n 
1 81 LYS n 
1 82 GLU n 
1 83 LEU n 
1 84 PRO n 
# 
_entity_src_gen.entity_id                          1 
_entity_src_gen.pdbx_src_id                        1 
_entity_src_gen.pdbx_alt_source_flag               sample 
_entity_src_gen.pdbx_seq_type                      ? 
_entity_src_gen.pdbx_beg_seq_num                   ? 
_entity_src_gen.pdbx_end_seq_num                   ? 
_entity_src_gen.gene_src_common_name               ? 
_entity_src_gen.gene_src_genus                     Thermus 
_entity_src_gen.pdbx_gene_src_gene                 ? 
_entity_src_gen.gene_src_species                   ? 
_entity_src_gen.gene_src_strain                    ? 
_entity_src_gen.gene_src_tissue                    ? 
_entity_src_gen.gene_src_tissue_fraction           ? 
_entity_src_gen.gene_src_details                   ? 
_entity_src_gen.pdbx_gene_src_fragment             ? 
_entity_src_gen.pdbx_gene_src_scientific_name      'Thermus thermophilus' 
_entity_src_gen.pdbx_gene_src_ncbi_taxonomy_id     274 
_entity_src_gen.pdbx_gene_src_variant              ? 
_entity_src_gen.pdbx_gene_src_cell_line            ? 
_entity_src_gen.pdbx_gene_src_atcc                 ? 
_entity_src_gen.pdbx_gene_src_organ                ? 
_entity_src_gen.pdbx_gene_src_organelle            ? 
_entity_src_gen.pdbx_gene_src_cell                 ? 
_entity_src_gen.pdbx_gene_src_cellular_location    ? 
_entity_src_gen.host_org_common_name               ? 
_entity_src_gen.pdbx_host_org_scientific_name      'Escherichia coli' 
_entity_src_gen.pdbx_host_org_ncbi_taxonomy_id     562 
_entity_src_gen.host_org_genus                     Escherichia 
_entity_src_gen.pdbx_host_org_gene                 ? 
_entity_src_gen.pdbx_host_org_organ                ? 
_entity_src_gen.host_org_species                   ? 
_entity_src_gen.pdbx_host_org_tissue               ? 
_entity_src_gen.pdbx_host_org_tissue_fraction      ? 
_entity_src_gen.pdbx_host_org_strain               'B834(DE3)' 
_entity_src_gen.pdbx_host_org_variant              ? 
_entity_src_gen.pdbx_host_org_cell_line            ? 
_entity_src_gen.pdbx_host_org_atcc                 ? 
_entity_src_gen.pdbx_host_org_culture_collection   ? 
_entity_src_gen.pdbx_host_org_cell                 ? 
_entity_src_gen.pdbx_host_org_organelle            ? 
_entity_src_gen.pdbx_host_org_cellular_location    ? 
_entity_src_gen.pdbx_host_org_vector_type          PLASMID 
_entity_src_gen.pdbx_host_org_vector               ? 
_entity_src_gen.host_org_details                   ? 
_entity_src_gen.expression_system_id               ? 
_entity_src_gen.plasmid_name                       pET11a 
_entity_src_gen.plasmid_details                    ? 
_entity_src_gen.pdbx_description                   ? 
# 
loop_
_chem_comp.id 
_chem_comp.type 
_chem_comp.mon_nstd_flag 
_chem_comp.name 
_chem_comp.pdbx_synonyms 
_chem_comp.formula 
_chem_comp.formula_weight 
ALA 'L-peptide linking' y ALANINE          ? 'C3 H7 N O2'     89.093  
ARG 'L-peptide linking' y ARGININE         ? 'C6 H15 N4 O2 1' 175.209 
ASN 'L-peptide linking' y ASPARAGINE       ? 'C4 H8 N2 O3'    132.118 
ASP 'L-peptide linking' y 'ASPARTIC ACID'  ? 'C4 H7 N O4'     133.103 
GLN 'L-peptide linking' y GLUTAMINE        ? 'C5 H10 N2 O3'   146.144 
GLU 'L-peptide linking' y 'GLUTAMIC ACID'  ? 'C5 H9 N O4'     147.129 
GLY 'peptide linking'   y GLYCINE          ? 'C2 H5 N O2'     75.067  
HIS 'L-peptide linking' y HISTIDINE        ? 'C6 H10 N3 O2 1' 156.162 
HOH non-polymer         . WATER            ? 'H2 O'           18.015  
ILE 'L-peptide linking' y ISOLEUCINE       ? 'C6 H13 N O2'    131.173 
LEU 'L-peptide linking' y LEUCINE          ? 'C6 H13 N O2'    131.173 
LYS 'L-peptide linking' y LYSINE           ? 'C6 H15 N2 O2 1' 147.195 
MET 'L-peptide linking' y METHIONINE       ? 'C5 H11 N O2 S'  149.211 
MSE 'L-peptide linking' n SELENOMETHIONINE ? 'C5 H11 N O2 Se' 196.106 
PHE 'L-peptide linking' y PHENYLALANINE    ? 'C9 H11 N O2'    165.189 
PRO 'L-peptide linking' y PROLINE          ? 'C5 H9 N O2'     115.130 
THR 'L-peptide linking' y THREONINE        ? 'C4 H9 N O3'     119.119 
TYR 'L-peptide linking' y TYROSINE         ? 'C9 H11 N O3'    181.189 
VAL 'L-peptide linking' y VALINE           ? 'C5 H11 N O2'    117.146 
# 
loop_
_pdbx_poly_seq_scheme.asym_id 
_pdbx_poly_seq_scheme.entity_id 
_pdbx_poly_seq_scheme.seq_id 
_pdbx_poly_seq_scheme.mon_id 
_pdbx_poly_seq_scheme.ndb_seq_num 
_pdbx_poly_seq_scheme.pdb_seq_num 
_pdbx_poly_seq_scheme.auth_seq_num 
_pdbx_poly_seq_scheme.pdb_mon_id 
_pdbx_poly_seq_scheme.auth_mon_id 
_pdbx_poly_seq_scheme.pdb_strand_id 
_pdbx_poly_seq_scheme.pdb_ins_code 
_pdbx_poly_seq_scheme.hetero 
A 1 1  MSE 1  1  ?  ?   ?   A . n 
A 1 2  PRO 2  2  2  PRO PRO A . n 
A 1 3  ARG 3  3  3  ARG ARG A . n 
A 1 4  TYR 4  4  4  TYR TYR A . n 
A 1 5  GLN 5  5  5  GLN GLN A . n 
A 1 6  ALA 6  6  6  ALA ALA A . n 
A 1 7  THR 7  7  7  THR THR A . n 
A 1 8  LEU 8  8  8  LEU LEU A . n 
A 1 9  LEU 9  9  9  LEU LEU A . n 
A 1 10 ILE 10 10 10 ILE ILE A . n 
A 1 11 GLU 11 11 11 GLU GLU A . n 
A 1 12 LEU 12 12 12 LEU LEU A . n 
A 1 13 LYS 13 13 13 LYS LYS A . n 
A 1 14 LYS 14 14 14 LYS LYS A . n 
A 1 15 GLY 15 15 15 GLY GLY A . n 
A 1 16 ILE 16 16 16 ILE ILE A . n 
A 1 17 LEU 17 17 17 LEU LEU A . n 
A 1 18 ASP 18 18 18 ASP ASP A . n 
A 1 19 PRO 19 19 19 PRO PRO A . n 
A 1 20 GLN 20 20 20 GLN GLN A . n 
A 1 21 GLY 21 21 21 GLY GLY A . n 
A 1 22 ARG 22 22 22 ARG ARG A . n 
A 1 23 ALA 23 23 23 ALA ALA A . n 
A 1 24 VAL 24 24 24 VAL VAL A . n 
A 1 25 GLU 25 25 25 GLU GLU A . n 
A 1 26 GLY 26 26 26 GLY GLY A . n 
A 1 27 VAL 27 27 27 VAL VAL A . n 
A 1 28 LEU 28 28 28 LEU LEU A . n 
A 1 29 LYS 29 29 29 LYS LYS A . n 
A 1 30 ASP 30 30 30 ASP ASP A . n 
A 1 31 LEU 31 31 31 LEU LEU A . n 
A 1 32 GLY 32 32 32 GLY GLY A . n 
A 1 33 HIS 33 33 33 HIS HIS A . n 
A 1 34 PRO 34 34 34 PRO PRO A . n 
A 1 35 VAL 35 35 35 VAL VAL A . n 
A 1 36 GLU 36 36 36 GLU GLU A . n 
A 1 37 GLU 37 37 37 GLU GLU A . n 
A 1 38 VAL 38 38 38 VAL VAL A . n 
A 1 39 ARG 39 39 39 ARG ARG A . n 
A 1 40 VAL 40 40 40 VAL VAL A . n 
A 1 41 GLY 41 41 41 GLY GLY A . n 
A 1 42 LYS 42 42 42 LYS LYS A . n 
A 1 43 VAL 43 43 43 VAL VAL A . n 
A 1 44 LEU 44 44 44 LEU LEU A . n 
A 1 45 GLU 45 45 45 GLU GLU A . n 
A 1 46 ILE 46 46 46 ILE ILE A . n 
A 1 47 VAL 47 47 47 VAL VAL A . n 
A 1 48 PHE 48 48 48 PHE PHE A . n 
A 1 49 PRO 49 49 49 PRO PRO A . n 
A 1 50 ALA 50 50 50 ALA ALA A . n 
A 1 51 GLU 51 51 51 GLU GLU A . n 
A 1 52 ASN 52 52 52 ASN ASN A . n 
A 1 53 LEU 53 53 53 LEU LEU A . n 
A 1 54 LEU 54 54 54 LEU LEU A . n 
A 1 55 GLU 55 55 55 GLU GLU A . n 
A 1 56 ALA 56 56 56 ALA ALA A . n 
A 1 57 GLU 57 57 57 GLU GLU A . n 
A 1 58 GLU 58 58 58 GLU GLU A . n 
A 1 59 LYS 59 59 59 LYS LYS A . n 
A 1 60 ALA 60 60 60 ALA ALA A . n 
A 1 61 LYS 61 61 61 LYS LYS A . n 
A 1 62 ALA 62 62 62 ALA ALA A . n 
A 1 63 MSE 63 63 63 MSE MSE A . n 
A 1 64 GLY 64 64 64 GLY GLY A . n 
A 1 65 ALA 65 65 65 ALA ALA A . n 
A 1 66 LEU 66 66 66 LEU LEU A . n 
A 1 67 LEU 67 67 67 LEU LEU A . n 
A 1 68 ALA 68 68 68 ALA ALA A . n 
A 1 69 ASN 69 69 69 ASN ASN A . n 
A 1 70 PRO 70 70 70 PRO PRO A . n 
A 1 71 VAL 71 71 71 VAL VAL A . n 
A 1 72 MSE 72 72 72 MSE MSE A . n 
A 1 73 GLU 73 73 73 GLU GLU A . n 
A 1 74 VAL 74 74 74 VAL VAL A . n 
A 1 75 TYR 75 75 75 TYR TYR A . n 
A 1 76 ALA 76 76 76 ALA ALA A . n 
A 1 77 LEU 77 77 77 LEU LEU A . n 
A 1 78 GLU 78 78 78 GLU GLU A . n 
A 1 79 ALA 79 79 79 ALA ALA A . n 
A 1 80 LEU 80 80 80 LEU LEU A . n 
A 1 81 LYS 81 81 81 LYS LYS A . n 
A 1 82 GLU 82 82 82 GLU GLU A . n 
A 1 83 LEU 83 83 83 LEU LEU A . n 
A 1 84 PRO 84 84 84 PRO PRO A . n 
# 
loop_
_pdbx_nonpoly_scheme.asym_id 
_pdbx_nonpoly_scheme.entity_id 
_pdbx_nonpoly_scheme.mon_id 
_pdbx_nonpoly_scheme.ndb_seq_num 
_pdbx_nonpoly_scheme.pdb_seq_num 
_pdbx_nonpoly_scheme.auth_seq_num 
_pdbx_nonpoly_scheme.pdb_mon_id 
_pdbx_nonpoly_scheme.auth_mon_id 
_pdbx_nonpoly_scheme.pdb_strand_id 
_pdbx_nonpoly_scheme.pdb_ins_code 
B 2 HOH 1  85  1  HOH HOH A . 
B 2 HOH 2  86  2  HOH HOH A . 
B 2 HOH 3  87  3  HOH HOH A . 
B 2 HOH 4  88  4  HOH HOH A . 
B 2 HOH 5  89  5  HOH HOH A . 
B 2 HOH 6  90  6  HOH HOH A . 
B 2 HOH 7  91  7  HOH HOH A . 
B 2 HOH 8  92  8  HOH HOH A . 
B 2 HOH 9  93  9  HOH HOH A . 
B 2 HOH 10 94  10 HOH HOH A . 
B 2 HOH 11 95  11 HOH HOH A . 
B 2 HOH 12 96  12 HOH HOH A . 
B 2 HOH 13 97  13 HOH HOH A . 
B 2 HOH 14 98  14 HOH HOH A . 
B 2 HOH 15 99  15 HOH HOH A . 
B 2 HOH 16 100 16 HOH HOH A . 
B 2 HOH 17 101 17 HOH HOH A . 
B 2 HOH 18 102 18 HOH HOH A . 
B 2 HOH 19 103 19 HOH HOH A . 
B 2 HOH 20 104 20 HOH HOH A . 
B 2 HOH 21 105 21 HOH HOH A . 
B 2 HOH 22 106 22 HOH HOH A . 
B 2 HOH 23 107 23 HOH HOH A . 
B 2 HOH 24 108 24 HOH HOH A . 
B 2 HOH 25 109 25 HOH HOH A . 
B 2 HOH 26 110 26 HOH HOH A . 
B 2 HOH 27 111 27 HOH HOH A . 
B 2 HOH 28 112 28 HOH HOH A . 
B 2 HOH 29 113 29 HOH HOH A . 
B 2 HOH 30 114 30 HOH HOH A . 
B 2 HOH 31 115 31 HOH HOH A . 
B 2 HOH 32 116 32 HOH HOH A . 
B 2 HOH 33 117 33 HOH HOH A . 
B 2 HOH 34 118 34 HOH HOH A . 
B 2 HOH 35 119 35 HOH HOH A . 
# 
loop_
_software.name 
_software.classification 
_software.version 
_software.citation_id 
_software.pdbx_ordinal 
CNS          refinement       1.1            ? 1 
CrystalClear 'data reduction' '(MSC/RIGAKU)' ? 2 
CrystalClear 'data scaling'   '(MSC/RIGAKU)' ? 3 
SOLVE        phasing          .              ? 4 
# 
_cell.entry_id           2CUW 
_cell.length_a           59.720 
_cell.length_b           49.380 
_cell.length_c           43.750 
_cell.angle_alpha        90.00 
_cell.angle_beta         133.56 
_cell.angle_gamma        90.00 
_cell.Z_PDB              4 
_cell.pdbx_unique_axis   ? 
# 
_symmetry.entry_id                         2CUW 
_symmetry.space_group_name_H-M             'C 1 2 1' 
_symmetry.pdbx_full_space_group_name_H-M   ? 
_symmetry.cell_setting                     ? 
_symmetry.Int_Tables_number                5 
_symmetry.space_group_name_Hall            ? 
# 
_exptl.entry_id          2CUW 
_exptl.method            'X-RAY DIFFRACTION' 
_exptl.crystals_number   1 
# 
_exptl_crystal.id                    1 
_exptl_crystal.density_meas          ? 
_exptl_crystal.density_Matthews      2.6 
_exptl_crystal.density_percent_sol   51.4 
_exptl_crystal.description           ? 
_exptl_crystal.F_000                 ? 
_exptl_crystal.preparation           ? 
# 
_exptl_crystal_grow.crystal_id      1 
_exptl_crystal_grow.method          'VAPOR DIFFUSION, HANGING DROP' 
_exptl_crystal_grow.temp            293 
_exptl_crystal_grow.temp_details    ? 
_exptl_crystal_grow.pH              4.1 
_exptl_crystal_grow.pdbx_details    
'25% PEG300, 0.2M Sodium Chloride, 0.1M Sodium Acetate, pH 4.1, VAPOR DIFFUSION, HANGING DROP, temperature 293K' 
_exptl_crystal_grow.pdbx_pH_range   . 
# 
_diffrn.id                     1 
_diffrn.ambient_temp           100 
_diffrn.ambient_temp_details   ? 
_diffrn.crystal_id             1 
# 
_diffrn_detector.diffrn_id              1 
_diffrn_detector.detector               CCD 
_diffrn_detector.type                   'RIGAKU JUPITER 210' 
_diffrn_detector.pdbx_collection_date   2004-12-04 
_diffrn_detector.details                ? 
# 
_diffrn_radiation.diffrn_id                        1 
_diffrn_radiation.wavelength_id                    1 
_diffrn_radiation.pdbx_monochromatic_or_laue_m_l   M 
_diffrn_radiation.monochromator                    'Si double crystal monochromator' 
_diffrn_radiation.pdbx_diffrn_protocol             MAD 
_diffrn_radiation.pdbx_scattering_type             x-ray 
# 
loop_
_diffrn_radiation_wavelength.id 
_diffrn_radiation_wavelength.wavelength 
_diffrn_radiation_wavelength.wt 
1 0.97944 1.0 
2 1.00000 1.0 
3 0.97979 1.0 
# 
_diffrn_source.diffrn_id                   1 
_diffrn_source.source                      SYNCHROTRON 
_diffrn_source.type                        'SPRING-8 BEAMLINE BL26B1' 
_diffrn_source.pdbx_synchrotron_site       SPring-8 
_diffrn_source.pdbx_synchrotron_beamline   BL26B1 
_diffrn_source.pdbx_wavelength             ? 
_diffrn_source.pdbx_wavelength_list        '0.97944, 1.00000, 0.97979' 
# 
_reflns.entry_id                     2CUW 
_reflns.observed_criterion_sigma_I   ? 
_reflns.observed_criterion_sigma_F   ? 
_reflns.d_resolution_low             32.721 
_reflns.d_resolution_high            1.64 
_reflns.number_obs                   ? 
_reflns.number_all                   61681 
_reflns.percent_possible_obs         98.4 
_reflns.pdbx_Rmerge_I_obs            0.05 
_reflns.pdbx_Rsym_value              ? 
_reflns.pdbx_netI_over_sigmaI        19.3 
_reflns.B_iso_Wilson_estimate        10.9 
_reflns.pdbx_redundancy              5.50 
_reflns.R_free_details               ? 
_reflns.limit_h_max                  ? 
_reflns.limit_h_min                  ? 
_reflns.limit_k_max                  ? 
_reflns.limit_k_min                  ? 
_reflns.limit_l_max                  ? 
_reflns.limit_l_min                  ? 
_reflns.observed_criterion_F_max     ? 
_reflns.observed_criterion_F_min     ? 
_reflns.pdbx_chi_squared             ? 
_reflns.pdbx_scaling_rejects         ? 
_reflns.pdbx_ordinal                 1 
_reflns.pdbx_diffrn_id               1 
# 
_reflns_shell.d_res_high             1.64 
_reflns_shell.d_res_low              1.7 
_reflns_shell.percent_possible_all   96.4 
_reflns_shell.Rmerge_I_obs           0.227 
_reflns_shell.pdbx_Rsym_value        ? 
_reflns_shell.meanI_over_sigI_obs    4.1 
_reflns_shell.pdbx_redundancy        5.17 
_reflns_shell.percent_possible_obs   ? 
_reflns_shell.number_unique_all      1104 
_reflns_shell.number_measured_all    ? 
_reflns_shell.number_measured_obs    ? 
_reflns_shell.number_unique_obs      ? 
_reflns_shell.pdbx_chi_squared       ? 
_reflns_shell.pdbx_ordinal           1 
_reflns_shell.pdbx_diffrn_id         1 
# 
_refine.entry_id                                 2CUW 
_refine.ls_number_reflns_obs                     4124 
_refine.ls_number_reflns_all                     ? 
_refine.pdbx_ls_sigma_I                          ? 
_refine.pdbx_ls_sigma_F                          .0 
_refine.pdbx_data_cutoff_high_absF               99889.13 
_refine.pdbx_data_cutoff_low_absF                .000000 
_refine.pdbx_data_cutoff_high_rms_absF           ? 
_refine.ls_d_res_low                             32.55 
_refine.ls_d_res_high                            2.30 
_refine.ls_percent_reflns_obs                    98.8 
_refine.ls_R_factor_obs                          0.231 
_refine.ls_R_factor_all                          0.235 
_refine.ls_R_factor_R_work                       0.231 
_refine.ls_R_factor_R_free                       0.275 
_refine.ls_R_factor_R_free_error                 .013 
_refine.ls_R_factor_R_free_error_details         ? 
_refine.ls_percent_reflns_R_free                 10.2 
_refine.ls_number_reflns_R_free                  421 
_refine.ls_number_parameters                     ? 
_refine.ls_number_restraints                     ? 
_refine.occupancy_min                            ? 
_refine.occupancy_max                            ? 
_refine.correlation_coeff_Fo_to_Fc               ? 
_refine.correlation_coeff_Fo_to_Fc_free          ? 
_refine.B_iso_mean                               26.2 
_refine.aniso_B[1][1]                            -.18 
_refine.aniso_B[2][2]                            1.44 
_refine.aniso_B[3][3]                            -1.26 
_refine.aniso_B[1][2]                            .00 
_refine.aniso_B[1][3]                            3.10 
_refine.aniso_B[2][3]                            .00 
_refine.solvent_model_details                    'FLAT MODEL' 
_refine.solvent_model_param_ksol                 .406649 
_refine.solvent_model_param_bsol                 50.8901 
_refine.pdbx_solvent_vdw_probe_radii             ? 
_refine.pdbx_solvent_ion_probe_radii             ? 
_refine.pdbx_solvent_shrinkage_radii             ? 
_refine.pdbx_ls_cross_valid_method               THROUGHOUT 
_refine.details                                  ? 
_refine.pdbx_starting_model                      ? 
_refine.pdbx_method_to_determine_struct          MAD 
_refine.pdbx_isotropic_thermal_model             RESTRAINED 
_refine.pdbx_stereochemistry_target_values       ? 
_refine.pdbx_stereochem_target_val_spec_case     ? 
_refine.pdbx_R_Free_selection_details            RANDOM 
_refine.pdbx_overall_ESU_R                       ? 
_refine.pdbx_overall_ESU_R_Free                  ? 
_refine.overall_SU_ML                            ? 
_refine.overall_SU_B                             ? 
_refine.ls_redundancy_reflns_obs                 ? 
_refine.B_iso_min                                ? 
_refine.B_iso_max                                ? 
_refine.overall_SU_R_Cruickshank_DPI             ? 
_refine.overall_SU_R_free                        ? 
_refine.ls_wR_factor_R_free                      ? 
_refine.ls_wR_factor_R_work                      ? 
_refine.overall_FOM_free_R_set                   ? 
_refine.overall_FOM_work_R_set                   ? 
_refine.pdbx_refine_id                           'X-RAY DIFFRACTION' 
_refine.pdbx_diffrn_id                           1 
_refine.pdbx_TLS_residual_ADP_flag               ? 
_refine.pdbx_overall_phase_error                 ? 
_refine.pdbx_overall_SU_R_free_Cruickshank_DPI   ? 
_refine.pdbx_overall_SU_R_Blow_DPI               ? 
_refine.pdbx_overall_SU_R_free_Blow_DPI          ? 
# 
_refine_analyze.entry_id                        2CUW 
_refine_analyze.Luzzati_coordinate_error_obs    .31 
_refine_analyze.Luzzati_sigma_a_obs             .23 
_refine_analyze.Luzzati_d_res_low_obs           5.00 
_refine_analyze.Luzzati_coordinate_error_free   .35 
_refine_analyze.Luzzati_sigma_a_free            .26 
_refine_analyze.Luzzati_d_res_low_free          ? 
_refine_analyze.number_disordered_residues      ? 
_refine_analyze.occupancy_sum_hydrogen          ? 
_refine_analyze.occupancy_sum_non_hydrogen      ? 
_refine_analyze.pdbx_Luzzati_d_res_high_obs     ? 
_refine_analyze.pdbx_refine_id                  'X-RAY DIFFRACTION' 
# 
_refine_hist.pdbx_refine_id                   'X-RAY DIFFRACTION' 
_refine_hist.cycle_id                         LAST 
_refine_hist.pdbx_number_atoms_protein        638 
_refine_hist.pdbx_number_atoms_nucleic_acid   0 
_refine_hist.pdbx_number_atoms_ligand         0 
_refine_hist.number_atoms_solvent             35 
_refine_hist.number_atoms_total               673 
_refine_hist.d_res_high                       2.30 
_refine_hist.d_res_low                        32.55 
# 
loop_
_refine_ls_restr.type 
_refine_ls_restr.dev_ideal 
_refine_ls_restr.dev_ideal_target 
_refine_ls_restr.weight 
_refine_ls_restr.number 
_refine_ls_restr.pdbx_refine_id 
_refine_ls_restr.pdbx_restraint_function 
c_bond_d                .006 ?    ? ? 'X-RAY DIFFRACTION' ? 
c_bond_d_na             ?    ?    ? ? 'X-RAY DIFFRACTION' ? 
c_bond_d_prot           ?    ?    ? ? 'X-RAY DIFFRACTION' ? 
c_angle_d               ?    ?    ? ? 'X-RAY DIFFRACTION' ? 
c_angle_d_na            ?    ?    ? ? 'X-RAY DIFFRACTION' ? 
c_angle_d_prot          ?    ?    ? ? 'X-RAY DIFFRACTION' ? 
c_angle_deg             1.4  ?    ? ? 'X-RAY DIFFRACTION' ? 
c_angle_deg_na          ?    ?    ? ? 'X-RAY DIFFRACTION' ? 
c_angle_deg_prot        ?    ?    ? ? 'X-RAY DIFFRACTION' ? 
c_dihedral_angle_d      23.3 ?    ? ? 'X-RAY DIFFRACTION' ? 
c_dihedral_angle_d_na   ?    ?    ? ? 'X-RAY DIFFRACTION' ? 
c_dihedral_angle_d_prot ?    ?    ? ? 'X-RAY DIFFRACTION' ? 
c_improper_angle_d      .72  ?    ? ? 'X-RAY DIFFRACTION' ? 
c_improper_angle_d_na   ?    ?    ? ? 'X-RAY DIFFRACTION' ? 
c_improper_angle_d_prot ?    ?    ? ? 'X-RAY DIFFRACTION' ? 
c_mcbond_it             1.43 1.50 ? ? 'X-RAY DIFFRACTION' ? 
c_mcangle_it            2.13 2.00 ? ? 'X-RAY DIFFRACTION' ? 
c_scbond_it             2.43 2.00 ? ? 'X-RAY DIFFRACTION' ? 
c_scangle_it            3.42 2.50 ? ? 'X-RAY DIFFRACTION' ? 
# 
_refine_ls_shell.pdbx_total_number_of_bins_used   6 
_refine_ls_shell.d_res_high                       2.30 
_refine_ls_shell.d_res_low                        2.44 
_refine_ls_shell.number_reflns_R_work             631 
_refine_ls_shell.R_factor_R_work                  0.26 
_refine_ls_shell.percent_reflns_obs               99.0 
_refine_ls_shell.R_factor_R_free                  0.301 
_refine_ls_shell.R_factor_R_free_error            .037 
_refine_ls_shell.percent_reflns_R_free            9.5 
_refine_ls_shell.number_reflns_R_free             66 
_refine_ls_shell.number_reflns_obs                ? 
_refine_ls_shell.redundancy_reflns_obs            ? 
_refine_ls_shell.number_reflns_all                ? 
_refine_ls_shell.R_factor_all                     ? 
_refine_ls_shell.pdbx_refine_id                   'X-RAY DIFFRACTION' 
# 
loop_
_pdbx_xplor_file.serial_no 
_pdbx_xplor_file.param_file 
_pdbx_xplor_file.topol_file 
_pdbx_xplor_file.pdbx_refine_id 
1 protein_rep.param protein.top 'X-RAY DIFFRACTION' 
2 water_rep.param   water.top   'X-RAY DIFFRACTION' 
# 
_struct.entry_id                  2CUW 
_struct.title                     
;Crystal Structure of Thermus thermophilus PurS, one of the subunits of Formylglycinamide Ribonucleotide Amidotransferase in the purine biosynthetic pathway
;
_struct.pdbx_model_details        ? 
_struct.pdbx_CASP_flag            ? 
_struct.pdbx_model_type_details   ? 
# 
_struct_keywords.entry_id        2CUW 
_struct_keywords.pdbx_keywords   'STRUCTURAL GENOMICS, UNKNOWN FUNCTION' 
_struct_keywords.text            
;purine, STRUCTURAL GENOMICS, NPPSFA, National Project on Protein Structural and Functional Analyses, RIKEN Structural Genomics/Proteomics Initiative, RSGI, UNKNOWN FUNCTION
;
# 
loop_
_struct_asym.id 
_struct_asym.pdbx_blank_PDB_chainid_flag 
_struct_asym.pdbx_modified 
_struct_asym.entity_id 
_struct_asym.details 
A N N 1 ? 
B N N 2 ? 
# 
_struct_ref.id                         1 
_struct_ref.db_name                    UNP 
_struct_ref.db_code                    Q5SI58_THET8 
_struct_ref.pdbx_db_accession          Q5SI58 
_struct_ref.entity_id                  1 
_struct_ref.pdbx_seq_one_letter_code   
;MPRYQATLLIELKKGILDPQGRAVEGVLKDLGHPVEEVRVGKVLEIVFPAENLLEAEEKAKAMGALLANPVMEVYALEAL
KELP
;
_struct_ref.pdbx_align_begin           1 
_struct_ref.pdbx_db_isoform            ? 
# 
_struct_ref_seq.align_id                      1 
_struct_ref_seq.ref_id                        1 
_struct_ref_seq.pdbx_PDB_id_code              2CUW 
_struct_ref_seq.pdbx_strand_id                A 
_struct_ref_seq.seq_align_beg                 1 
_struct_ref_seq.pdbx_seq_align_beg_ins_code   ? 
_struct_ref_seq.seq_align_end                 84 
_struct_ref_seq.pdbx_seq_align_end_ins_code   ? 
_struct_ref_seq.pdbx_db_accession             Q5SI58 
_struct_ref_seq.db_align_beg                  1 
_struct_ref_seq.pdbx_db_align_beg_ins_code    ? 
_struct_ref_seq.db_align_end                  84 
_struct_ref_seq.pdbx_db_align_end_ins_code    ? 
_struct_ref_seq.pdbx_auth_seq_align_beg       1 
_struct_ref_seq.pdbx_auth_seq_align_end       84 
# 
loop_
_struct_ref_seq_dif.align_id 
_struct_ref_seq_dif.pdbx_pdb_id_code 
_struct_ref_seq_dif.mon_id 
_struct_ref_seq_dif.pdbx_pdb_strand_id 
_struct_ref_seq_dif.seq_num 
_struct_ref_seq_dif.pdbx_pdb_ins_code 
_struct_ref_seq_dif.pdbx_seq_db_name 
_struct_ref_seq_dif.pdbx_seq_db_accession_code 
_struct_ref_seq_dif.db_mon_id 
_struct_ref_seq_dif.pdbx_seq_db_seq_num 
_struct_ref_seq_dif.details 
_struct_ref_seq_dif.pdbx_auth_seq_num 
_struct_ref_seq_dif.pdbx_ordinal 
1 2CUW MSE A 1  ? UNP Q5SI58 MET 1  'modified residue' 1  1 
1 2CUW MSE A 63 ? UNP Q5SI58 MET 63 'modified residue' 63 2 
1 2CUW MSE A 72 ? UNP Q5SI58 MET 72 'modified residue' 72 3 
# 
loop_
_pdbx_struct_assembly.id 
_pdbx_struct_assembly.details 
_pdbx_struct_assembly.method_details 
_pdbx_struct_assembly.oligomeric_details 
_pdbx_struct_assembly.oligomeric_count 
1 author_defined_assembly   ?        monomeric 1 
2 software_defined_assembly PISA,PQS dimeric   2 
# 
loop_
_pdbx_struct_assembly_prop.biol_id 
_pdbx_struct_assembly_prop.type 
_pdbx_struct_assembly_prop.value 
_pdbx_struct_assembly_prop.details 
2 'ABSA (A^2)' 2430 ? 
2 MORE         -15  ? 
2 'SSA (A^2)'  9140 ? 
# 
loop_
_pdbx_struct_assembly_gen.assembly_id 
_pdbx_struct_assembly_gen.oper_expression 
_pdbx_struct_assembly_gen.asym_id_list 
1 1   A,B 
2 1,2 A,B 
# 
loop_
_pdbx_struct_oper_list.id 
_pdbx_struct_oper_list.type 
_pdbx_struct_oper_list.name 
_pdbx_struct_oper_list.symmetry_operation 
_pdbx_struct_oper_list.matrix[1][1] 
_pdbx_struct_oper_list.matrix[1][2] 
_pdbx_struct_oper_list.matrix[1][3] 
_pdbx_struct_oper_list.vector[1] 
_pdbx_struct_oper_list.matrix[2][1] 
_pdbx_struct_oper_list.matrix[2][2] 
_pdbx_struct_oper_list.matrix[2][3] 
_pdbx_struct_oper_list.vector[2] 
_pdbx_struct_oper_list.matrix[3][1] 
_pdbx_struct_oper_list.matrix[3][2] 
_pdbx_struct_oper_list.matrix[3][3] 
_pdbx_struct_oper_list.vector[3] 
1 'identity operation'         1_555 x,y,z   1.0000000000 0.0000000000  0.0000000000 0.0000000000 0.0000000000  1.0000000000  0.0000000000  0.0000000000 0.0000000000 0.0000000000  1.0000000000  0.0000000000  
2 'crystal symmetry operation' 2_555 -x,y,-z 0.8563578549 -0.1916137623 0.4795157874 2.2461782075 -0.1916137623 -0.9802215754 -0.0494957499 4.2521295321 0.4795157874 -0.0494957499 -0.8761362795 -6.9965246387 
# 
_struct_biol.id                    1 
_struct_biol.pdbx_parent_biol_id   ? 
_struct_biol.details               ? 
# 
loop_
_struct_conf.conf_type_id 
_struct_conf.id 
_struct_conf.pdbx_PDB_helix_id 
_struct_conf.beg_label_comp_id 
_struct_conf.beg_label_asym_id 
_struct_conf.beg_label_seq_id 
_struct_conf.pdbx_beg_PDB_ins_code 
_struct_conf.end_label_comp_id 
_struct_conf.end_label_asym_id 
_struct_conf.end_label_seq_id 
_struct_conf.pdbx_end_PDB_ins_code 
_struct_conf.beg_auth_comp_id 
_struct_conf.beg_auth_asym_id 
_struct_conf.beg_auth_seq_id 
_struct_conf.end_auth_comp_id 
_struct_conf.end_auth_asym_id 
_struct_conf.end_auth_seq_id 
_struct_conf.pdbx_PDB_helix_class 
_struct_conf.details 
_struct_conf.pdbx_PDB_helix_length 
HELX_P HELX_P1 1 ASP A 18 ? LEU A 31 ? ASP A 18 LEU A 31 1 ? 14 
HELX_P HELX_P2 2 ASN A 52 ? ALA A 68 ? ASN A 52 ALA A 68 1 ? 17 
# 
_struct_conf_type.id          HELX_P 
_struct_conf_type.criteria    ? 
_struct_conf_type.reference   ? 
# 
loop_
_struct_conn.id 
_struct_conn.conn_type_id 
_struct_conn.pdbx_leaving_atom_flag 
_struct_conn.pdbx_PDB_id 
_struct_conn.ptnr1_label_asym_id 
_struct_conn.ptnr1_label_comp_id 
_struct_conn.ptnr1_label_seq_id 
_struct_conn.ptnr1_label_atom_id 
_struct_conn.pdbx_ptnr1_label_alt_id 
_struct_conn.pdbx_ptnr1_PDB_ins_code 
_struct_conn.pdbx_ptnr1_standard_comp_id 
_struct_conn.ptnr1_symmetry 
_struct_conn.ptnr2_label_asym_id 
_struct_conn.ptnr2_label_comp_id 
_struct_conn.ptnr2_label_seq_id 
_struct_conn.ptnr2_label_atom_id 
_struct_conn.pdbx_ptnr2_label_alt_id 
_struct_conn.pdbx_ptnr2_PDB_ins_code 
_struct_conn.ptnr1_auth_asym_id 
_struct_conn.ptnr1_auth_comp_id 
_struct_conn.ptnr1_auth_seq_id 
_struct_conn.ptnr2_auth_asym_id 
_struct_conn.ptnr2_auth_comp_id 
_struct_conn.ptnr2_auth_seq_id 
_struct_conn.ptnr2_symmetry 
_struct_conn.pdbx_ptnr3_label_atom_id 
_struct_conn.pdbx_ptnr3_label_seq_id 
_struct_conn.pdbx_ptnr3_label_comp_id 
_struct_conn.pdbx_ptnr3_label_asym_id 
_struct_conn.pdbx_ptnr3_label_alt_id 
_struct_conn.pdbx_ptnr3_PDB_ins_code 
_struct_conn.details 
_struct_conn.pdbx_dist_value 
_struct_conn.pdbx_value_order 
_struct_conn.pdbx_role 
covale1 covale both ? A ALA 62 C ? ? ? 1_555 A MSE 63 N ? ? A ALA 62 A MSE 63 1_555 ? ? ? ? ? ? ? 1.328 ? ? 
covale2 covale both ? A MSE 63 C ? ? ? 1_555 A GLY 64 N ? ? A MSE 63 A GLY 64 1_555 ? ? ? ? ? ? ? 1.327 ? ? 
covale3 covale both ? A VAL 71 C ? ? ? 1_555 A MSE 72 N ? ? A VAL 71 A MSE 72 1_555 ? ? ? ? ? ? ? 1.321 ? ? 
covale4 covale both ? A MSE 72 C ? ? ? 1_555 A GLU 73 N ? ? A MSE 72 A GLU 73 1_555 ? ? ? ? ? ? ? 1.329 ? ? 
# 
_struct_conn_type.id          covale 
_struct_conn_type.criteria    ? 
_struct_conn_type.reference   ? 
# 
loop_
_pdbx_modification_feature.ordinal 
_pdbx_modification_feature.label_comp_id 
_pdbx_modification_feature.label_asym_id 
_pdbx_modification_feature.label_seq_id 
_pdbx_modification_feature.label_alt_id 
_pdbx_modification_feature.modified_residue_label_comp_id 
_pdbx_modification_feature.modified_residue_label_asym_id 
_pdbx_modification_feature.modified_residue_label_seq_id 
_pdbx_modification_feature.modified_residue_label_alt_id 
_pdbx_modification_feature.auth_comp_id 
_pdbx_modification_feature.auth_asym_id 
_pdbx_modification_feature.auth_seq_id 
_pdbx_modification_feature.PDB_ins_code 
_pdbx_modification_feature.symmetry 
_pdbx_modification_feature.modified_residue_auth_comp_id 
_pdbx_modification_feature.modified_residue_auth_asym_id 
_pdbx_modification_feature.modified_residue_auth_seq_id 
_pdbx_modification_feature.modified_residue_PDB_ins_code 
_pdbx_modification_feature.modified_residue_symmetry 
_pdbx_modification_feature.comp_id_linking_atom 
_pdbx_modification_feature.modified_residue_id_linking_atom 
_pdbx_modification_feature.modified_residue_id 
_pdbx_modification_feature.ref_pcm_id 
_pdbx_modification_feature.ref_comp_id 
_pdbx_modification_feature.type 
_pdbx_modification_feature.category 
1 MSE A 63 ? . . . . MSE A 63 ? 1_555 . . . . . . . MET 1 MSE Selenomethionine 'Named protein modification' 
2 MSE A 72 ? . . . . MSE A 72 ? 1_555 . . . . . . . MET 1 MSE Selenomethionine 'Named protein modification' 
# 
_struct_sheet.id               A 
_struct_sheet.type             ? 
_struct_sheet.number_strands   3 
_struct_sheet.details          ? 
# 
loop_
_struct_sheet_order.sheet_id 
_struct_sheet_order.range_id_1 
_struct_sheet_order.range_id_2 
_struct_sheet_order.offset 
_struct_sheet_order.sense 
A 1 2 ? anti-parallel 
A 2 3 ? anti-parallel 
# 
loop_
_struct_sheet_range.sheet_id 
_struct_sheet_range.id 
_struct_sheet_range.beg_label_comp_id 
_struct_sheet_range.beg_label_asym_id 
_struct_sheet_range.beg_label_seq_id 
_struct_sheet_range.pdbx_beg_PDB_ins_code 
_struct_sheet_range.end_label_comp_id 
_struct_sheet_range.end_label_asym_id 
_struct_sheet_range.end_label_seq_id 
_struct_sheet_range.pdbx_end_PDB_ins_code 
_struct_sheet_range.beg_auth_comp_id 
_struct_sheet_range.beg_auth_asym_id 
_struct_sheet_range.beg_auth_seq_id 
_struct_sheet_range.end_auth_comp_id 
_struct_sheet_range.end_auth_asym_id 
_struct_sheet_range.end_auth_seq_id 
A 1 LYS A 42 ? PRO A 49 ? LYS A 42 PRO A 49 
A 2 ARG A 3  ? LEU A 12 ? ARG A 3  LEU A 12 
A 3 GLU A 73 ? GLU A 82 ? GLU A 73 GLU A 82 
# 
loop_
_pdbx_struct_sheet_hbond.sheet_id 
_pdbx_struct_sheet_hbond.range_id_1 
_pdbx_struct_sheet_hbond.range_id_2 
_pdbx_struct_sheet_hbond.range_1_label_atom_id 
_pdbx_struct_sheet_hbond.range_1_label_comp_id 
_pdbx_struct_sheet_hbond.range_1_label_asym_id 
_pdbx_struct_sheet_hbond.range_1_label_seq_id 
_pdbx_struct_sheet_hbond.range_1_PDB_ins_code 
_pdbx_struct_sheet_hbond.range_1_auth_atom_id 
_pdbx_struct_sheet_hbond.range_1_auth_comp_id 
_pdbx_struct_sheet_hbond.range_1_auth_asym_id 
_pdbx_struct_sheet_hbond.range_1_auth_seq_id 
_pdbx_struct_sheet_hbond.range_2_label_atom_id 
_pdbx_struct_sheet_hbond.range_2_label_comp_id 
_pdbx_struct_sheet_hbond.range_2_label_asym_id 
_pdbx_struct_sheet_hbond.range_2_label_seq_id 
_pdbx_struct_sheet_hbond.range_2_PDB_ins_code 
_pdbx_struct_sheet_hbond.range_2_auth_atom_id 
_pdbx_struct_sheet_hbond.range_2_auth_comp_id 
_pdbx_struct_sheet_hbond.range_2_auth_asym_id 
_pdbx_struct_sheet_hbond.range_2_auth_seq_id 
A 1 2 O PHE A 48 ? O PHE A 48 N TYR A 4  ? N TYR A 4  
A 2 3 N THR A 7  ? N THR A 7  O ALA A 79 ? O ALA A 79 
# 
_pdbx_entry_details.entry_id                   2CUW 
_pdbx_entry_details.compound_details           ? 
_pdbx_entry_details.source_details             ? 
_pdbx_entry_details.nonpolymer_details         ? 
_pdbx_entry_details.sequence_details           ? 
_pdbx_entry_details.has_ligand_of_interest     ? 
_pdbx_entry_details.has_protein_modification   Y 
# 
_pdbx_validate_symm_contact.id                1 
_pdbx_validate_symm_contact.PDB_model_num     1 
_pdbx_validate_symm_contact.auth_atom_id_1    O 
_pdbx_validate_symm_contact.auth_asym_id_1    A 
_pdbx_validate_symm_contact.auth_comp_id_1    HOH 
_pdbx_validate_symm_contact.auth_seq_id_1     112 
_pdbx_validate_symm_contact.PDB_ins_code_1    ? 
_pdbx_validate_symm_contact.label_alt_id_1    ? 
_pdbx_validate_symm_contact.site_symmetry_1   1_555 
_pdbx_validate_symm_contact.auth_atom_id_2    O 
_pdbx_validate_symm_contact.auth_asym_id_2    A 
_pdbx_validate_symm_contact.auth_comp_id_2    HOH 
_pdbx_validate_symm_contact.auth_seq_id_2     112 
_pdbx_validate_symm_contact.PDB_ins_code_2    ? 
_pdbx_validate_symm_contact.label_alt_id_2    ? 
_pdbx_validate_symm_contact.site_symmetry_2   2_556 
_pdbx_validate_symm_contact.dist              1.90 
# 
_pdbx_validate_torsion.id              1 
_pdbx_validate_torsion.PDB_model_num   1 
_pdbx_validate_torsion.auth_comp_id    ASP 
_pdbx_validate_torsion.auth_asym_id    A 
_pdbx_validate_torsion.auth_seq_id     18 
_pdbx_validate_torsion.PDB_ins_code    ? 
_pdbx_validate_torsion.label_alt_id    ? 
_pdbx_validate_torsion.phi             -119.92 
_pdbx_validate_torsion.psi             73.57 
# 
_pdbx_SG_project.id                    1 
_pdbx_SG_project.project_name          'NPPSFA, National Project on Protein Structural and Functional Analyses' 
_pdbx_SG_project.full_name_of_center   'RIKEN Structural Genomics/Proteomics Initiative' 
_pdbx_SG_project.initial_of_center     RSGI 
# 
loop_
_pdbx_struct_mod_residue.id 
_pdbx_struct_mod_residue.label_asym_id 
_pdbx_struct_mod_residue.label_comp_id 
_pdbx_struct_mod_residue.label_seq_id 
_pdbx_struct_mod_residue.auth_asym_id 
_pdbx_struct_mod_residue.auth_comp_id 
_pdbx_struct_mod_residue.auth_seq_id 
_pdbx_struct_mod_residue.PDB_ins_code 
_pdbx_struct_mod_residue.parent_comp_id 
_pdbx_struct_mod_residue.details 
1 A MSE 63 A MSE 63 ? MET SELENOMETHIONINE 
2 A MSE 72 A MSE 72 ? MET SELENOMETHIONINE 
# 
_pdbx_unobs_or_zero_occ_residues.id               1 
_pdbx_unobs_or_zero_occ_residues.PDB_model_num    1 
_pdbx_unobs_or_zero_occ_residues.polymer_flag     Y 
_pdbx_unobs_or_zero_occ_residues.occupancy_flag   1 
_pdbx_unobs_or_zero_occ_residues.auth_asym_id     A 
_pdbx_unobs_or_zero_occ_residues.auth_comp_id     MSE 
_pdbx_unobs_or_zero_occ_residues.auth_seq_id      1 
_pdbx_unobs_or_zero_occ_residues.PDB_ins_code     ? 
_pdbx_unobs_or_zero_occ_residues.label_asym_id    A 
_pdbx_unobs_or_zero_occ_residues.label_comp_id    MSE 
_pdbx_unobs_or_zero_occ_residues.label_seq_id     1 
# 
loop_
_chem_comp_atom.comp_id 
_chem_comp_atom.atom_id 
_chem_comp_atom.type_symbol 
_chem_comp_atom.pdbx_aromatic_flag 
_chem_comp_atom.pdbx_stereo_config 
_chem_comp_atom.pdbx_ordinal 
ALA N    N  N N 1   
ALA CA   C  N S 2   
ALA C    C  N N 3   
ALA O    O  N N 4   
ALA CB   C  N N 5   
ALA OXT  O  N N 6   
ALA H    H  N N 7   
ALA H2   H  N N 8   
ALA HA   H  N N 9   
ALA HB1  H  N N 10  
ALA HB2  H  N N 11  
ALA HB3  H  N N 12  
ALA HXT  H  N N 13  
ARG N    N  N N 14  
ARG CA   C  N S 15  
ARG C    C  N N 16  
ARG O    O  N N 17  
ARG CB   C  N N 18  
ARG CG   C  N N 19  
ARG CD   C  N N 20  
ARG NE   N  N N 21  
ARG CZ   C  N N 22  
ARG NH1  N  N N 23  
ARG NH2  N  N N 24  
ARG OXT  O  N N 25  
ARG H    H  N N 26  
ARG H2   H  N N 27  
ARG HA   H  N N 28  
ARG HB2  H  N N 29  
ARG HB3  H  N N 30  
ARG HG2  H  N N 31  
ARG HG3  H  N N 32  
ARG HD2  H  N N 33  
ARG HD3  H  N N 34  
ARG HE   H  N N 35  
ARG HH11 H  N N 36  
ARG HH12 H  N N 37  
ARG HH21 H  N N 38  
ARG HH22 H  N N 39  
ARG HXT  H  N N 40  
ASN N    N  N N 41  
ASN CA   C  N S 42  
ASN C    C  N N 43  
ASN O    O  N N 44  
ASN CB   C  N N 45  
ASN CG   C  N N 46  
ASN OD1  O  N N 47  
ASN ND2  N  N N 48  
ASN OXT  O  N N 49  
ASN H    H  N N 50  
ASN H2   H  N N 51  
ASN HA   H  N N 52  
ASN HB2  H  N N 53  
ASN HB3  H  N N 54  
ASN HD21 H  N N 55  
ASN HD22 H  N N 56  
ASN HXT  H  N N 57  
ASP N    N  N N 58  
ASP CA   C  N S 59  
ASP C    C  N N 60  
ASP O    O  N N 61  
ASP CB   C  N N 62  
ASP CG   C  N N 63  
ASP OD1  O  N N 64  
ASP OD2  O  N N 65  
ASP OXT  O  N N 66  
ASP H    H  N N 67  
ASP H2   H  N N 68  
ASP HA   H  N N 69  
ASP HB2  H  N N 70  
ASP HB3  H  N N 71  
ASP HD2  H  N N 72  
ASP HXT  H  N N 73  
GLN N    N  N N 74  
GLN CA   C  N S 75  
GLN C    C  N N 76  
GLN O    O  N N 77  
GLN CB   C  N N 78  
GLN CG   C  N N 79  
GLN CD   C  N N 80  
GLN OE1  O  N N 81  
GLN NE2  N  N N 82  
GLN OXT  O  N N 83  
GLN H    H  N N 84  
GLN H2   H  N N 85  
GLN HA   H  N N 86  
GLN HB2  H  N N 87  
GLN HB3  H  N N 88  
GLN HG2  H  N N 89  
GLN HG3  H  N N 90  
GLN HE21 H  N N 91  
GLN HE22 H  N N 92  
GLN HXT  H  N N 93  
GLU N    N  N N 94  
GLU CA   C  N S 95  
GLU C    C  N N 96  
GLU O    O  N N 97  
GLU CB   C  N N 98  
GLU CG   C  N N 99  
GLU CD   C  N N 100 
GLU OE1  O  N N 101 
GLU OE2  O  N N 102 
GLU OXT  O  N N 103 
GLU H    H  N N 104 
GLU H2   H  N N 105 
GLU HA   H  N N 106 
GLU HB2  H  N N 107 
GLU HB3  H  N N 108 
GLU HG2  H  N N 109 
GLU HG3  H  N N 110 
GLU HE2  H  N N 111 
GLU HXT  H  N N 112 
GLY N    N  N N 113 
GLY CA   C  N N 114 
GLY C    C  N N 115 
GLY O    O  N N 116 
GLY OXT  O  N N 117 
GLY H    H  N N 118 
GLY H2   H  N N 119 
GLY HA2  H  N N 120 
GLY HA3  H  N N 121 
GLY HXT  H  N N 122 
HIS N    N  N N 123 
HIS CA   C  N S 124 
HIS C    C  N N 125 
HIS O    O  N N 126 
HIS CB   C  N N 127 
HIS CG   C  Y N 128 
HIS ND1  N  Y N 129 
HIS CD2  C  Y N 130 
HIS CE1  C  Y N 131 
HIS NE2  N  Y N 132 
HIS OXT  O  N N 133 
HIS H    H  N N 134 
HIS H2   H  N N 135 
HIS HA   H  N N 136 
HIS HB2  H  N N 137 
HIS HB3  H  N N 138 
HIS HD1  H  N N 139 
HIS HD2  H  N N 140 
HIS HE1  H  N N 141 
HIS HE2  H  N N 142 
HIS HXT  H  N N 143 
HOH O    O  N N 144 
HOH H1   H  N N 145 
HOH H2   H  N N 146 
ILE N    N  N N 147 
ILE CA   C  N S 148 
ILE C    C  N N 149 
ILE O    O  N N 150 
ILE CB   C  N S 151 
ILE CG1  C  N N 152 
ILE CG2  C  N N 153 
ILE CD1  C  N N 154 
ILE OXT  O  N N 155 
ILE H    H  N N 156 
ILE H2   H  N N 157 
ILE HA   H  N N 158 
ILE HB   H  N N 159 
ILE HG12 H  N N 160 
ILE HG13 H  N N 161 
ILE HG21 H  N N 162 
ILE HG22 H  N N 163 
ILE HG23 H  N N 164 
ILE HD11 H  N N 165 
ILE HD12 H  N N 166 
ILE HD13 H  N N 167 
ILE HXT  H  N N 168 
LEU N    N  N N 169 
LEU CA   C  N S 170 
LEU C    C  N N 171 
LEU O    O  N N 172 
LEU CB   C  N N 173 
LEU CG   C  N N 174 
LEU CD1  C  N N 175 
LEU CD2  C  N N 176 
LEU OXT  O  N N 177 
LEU H    H  N N 178 
LEU H2   H  N N 179 
LEU HA   H  N N 180 
LEU HB2  H  N N 181 
LEU HB3  H  N N 182 
LEU HG   H  N N 183 
LEU HD11 H  N N 184 
LEU HD12 H  N N 185 
LEU HD13 H  N N 186 
LEU HD21 H  N N 187 
LEU HD22 H  N N 188 
LEU HD23 H  N N 189 
LEU HXT  H  N N 190 
LYS N    N  N N 191 
LYS CA   C  N S 192 
LYS C    C  N N 193 
LYS O    O  N N 194 
LYS CB   C  N N 195 
LYS CG   C  N N 196 
LYS CD   C  N N 197 
LYS CE   C  N N 198 
LYS NZ   N  N N 199 
LYS OXT  O  N N 200 
LYS H    H  N N 201 
LYS H2   H  N N 202 
LYS HA   H  N N 203 
LYS HB2  H  N N 204 
LYS HB3  H  N N 205 
LYS HG2  H  N N 206 
LYS HG3  H  N N 207 
LYS HD2  H  N N 208 
LYS HD3  H  N N 209 
LYS HE2  H  N N 210 
LYS HE3  H  N N 211 
LYS HZ1  H  N N 212 
LYS HZ2  H  N N 213 
LYS HZ3  H  N N 214 
LYS HXT  H  N N 215 
MET N    N  N N 216 
MET CA   C  N S 217 
MET C    C  N N 218 
MET O    O  N N 219 
MET CB   C  N N 220 
MET CG   C  N N 221 
MET SD   S  N N 222 
MET CE   C  N N 223 
MET OXT  O  N N 224 
MET H    H  N N 225 
MET H2   H  N N 226 
MET HA   H  N N 227 
MET HB2  H  N N 228 
MET HB3  H  N N 229 
MET HG2  H  N N 230 
MET HG3  H  N N 231 
MET HE1  H  N N 232 
MET HE2  H  N N 233 
MET HE3  H  N N 234 
MET HXT  H  N N 235 
MSE N    N  N N 236 
MSE CA   C  N S 237 
MSE C    C  N N 238 
MSE O    O  N N 239 
MSE OXT  O  N N 240 
MSE CB   C  N N 241 
MSE CG   C  N N 242 
MSE SE   SE N N 243 
MSE CE   C  N N 244 
MSE H    H  N N 245 
MSE H2   H  N N 246 
MSE HA   H  N N 247 
MSE HXT  H  N N 248 
MSE HB2  H  N N 249 
MSE HB3  H  N N 250 
MSE HG2  H  N N 251 
MSE HG3  H  N N 252 
MSE HE1  H  N N 253 
MSE HE2  H  N N 254 
MSE HE3  H  N N 255 
PHE N    N  N N 256 
PHE CA   C  N S 257 
PHE C    C  N N 258 
PHE O    O  N N 259 
PHE CB   C  N N 260 
PHE CG   C  Y N 261 
PHE CD1  C  Y N 262 
PHE CD2  C  Y N 263 
PHE CE1  C  Y N 264 
PHE CE2  C  Y N 265 
PHE CZ   C  Y N 266 
PHE OXT  O  N N 267 
PHE H    H  N N 268 
PHE H2   H  N N 269 
PHE HA   H  N N 270 
PHE HB2  H  N N 271 
PHE HB3  H  N N 272 
PHE HD1  H  N N 273 
PHE HD2  H  N N 274 
PHE HE1  H  N N 275 
PHE HE2  H  N N 276 
PHE HZ   H  N N 277 
PHE HXT  H  N N 278 
PRO N    N  N N 279 
PRO CA   C  N S 280 
PRO C    C  N N 281 
PRO O    O  N N 282 
PRO CB   C  N N 283 
PRO CG   C  N N 284 
PRO CD   C  N N 285 
PRO OXT  O  N N 286 
PRO H    H  N N 287 
PRO HA   H  N N 288 
PRO HB2  H  N N 289 
PRO HB3  H  N N 290 
PRO HG2  H  N N 291 
PRO HG3  H  N N 292 
PRO HD2  H  N N 293 
PRO HD3  H  N N 294 
PRO HXT  H  N N 295 
THR N    N  N N 296 
THR CA   C  N S 297 
THR C    C  N N 298 
THR O    O  N N 299 
THR CB   C  N R 300 
THR OG1  O  N N 301 
THR CG2  C  N N 302 
THR OXT  O  N N 303 
THR H    H  N N 304 
THR H2   H  N N 305 
THR HA   H  N N 306 
THR HB   H  N N 307 
THR HG1  H  N N 308 
THR HG21 H  N N 309 
THR HG22 H  N N 310 
THR HG23 H  N N 311 
THR HXT  H  N N 312 
TYR N    N  N N 313 
TYR CA   C  N S 314 
TYR C    C  N N 315 
TYR O    O  N N 316 
TYR CB   C  N N 317 
TYR CG   C  Y N 318 
TYR CD1  C  Y N 319 
TYR CD2  C  Y N 320 
TYR CE1  C  Y N 321 
TYR CE2  C  Y N 322 
TYR CZ   C  Y N 323 
TYR OH   O  N N 324 
TYR OXT  O  N N 325 
TYR H    H  N N 326 
TYR H2   H  N N 327 
TYR HA   H  N N 328 
TYR HB2  H  N N 329 
TYR HB3  H  N N 330 
TYR HD1  H  N N 331 
TYR HD2  H  N N 332 
TYR HE1  H  N N 333 
TYR HE2  H  N N 334 
TYR HH   H  N N 335 
TYR HXT  H  N N 336 
VAL N    N  N N 337 
VAL CA   C  N S 338 
VAL C    C  N N 339 
VAL O    O  N N 340 
VAL CB   C  N N 341 
VAL CG1  C  N N 342 
VAL CG2  C  N N 343 
VAL OXT  O  N N 344 
VAL H    H  N N 345 
VAL H2   H  N N 346 
VAL HA   H  N N 347 
VAL HB   H  N N 348 
VAL HG11 H  N N 349 
VAL HG12 H  N N 350 
VAL HG13 H  N N 351 
VAL HG21 H  N N 352 
VAL HG22 H  N N 353 
VAL HG23 H  N N 354 
VAL HXT  H  N N 355 
# 
loop_
_chem_comp_bond.comp_id 
_chem_comp_bond.atom_id_1 
_chem_comp_bond.atom_id_2 
_chem_comp_bond.value_order 
_chem_comp_bond.pdbx_aromatic_flag 
_chem_comp_bond.pdbx_stereo_config 
_chem_comp_bond.pdbx_ordinal 
ALA N   CA   sing N N 1   
ALA N   H    sing N N 2   
ALA N   H2   sing N N 3   
ALA CA  C    sing N N 4   
ALA CA  CB   sing N N 5   
ALA CA  HA   sing N N 6   
ALA C   O    doub N N 7   
ALA C   OXT  sing N N 8   
ALA CB  HB1  sing N N 9   
ALA CB  HB2  sing N N 10  
ALA CB  HB3  sing N N 11  
ALA OXT HXT  sing N N 12  
ARG N   CA   sing N N 13  
ARG N   H    sing N N 14  
ARG N   H2   sing N N 15  
ARG CA  C    sing N N 16  
ARG CA  CB   sing N N 17  
ARG CA  HA   sing N N 18  
ARG C   O    doub N N 19  
ARG C   OXT  sing N N 20  
ARG CB  CG   sing N N 21  
ARG CB  HB2  sing N N 22  
ARG CB  HB3  sing N N 23  
ARG CG  CD   sing N N 24  
ARG CG  HG2  sing N N 25  
ARG CG  HG3  sing N N 26  
ARG CD  NE   sing N N 27  
ARG CD  HD2  sing N N 28  
ARG CD  HD3  sing N N 29  
ARG NE  CZ   sing N N 30  
ARG NE  HE   sing N N 31  
ARG CZ  NH1  sing N N 32  
ARG CZ  NH2  doub N N 33  
ARG NH1 HH11 sing N N 34  
ARG NH1 HH12 sing N N 35  
ARG NH2 HH21 sing N N 36  
ARG NH2 HH22 sing N N 37  
ARG OXT HXT  sing N N 38  
ASN N   CA   sing N N 39  
ASN N   H    sing N N 40  
ASN N   H2   sing N N 41  
ASN CA  C    sing N N 42  
ASN CA  CB   sing N N 43  
ASN CA  HA   sing N N 44  
ASN C   O    doub N N 45  
ASN C   OXT  sing N N 46  
ASN CB  CG   sing N N 47  
ASN CB  HB2  sing N N 48  
ASN CB  HB3  sing N N 49  
ASN CG  OD1  doub N N 50  
ASN CG  ND2  sing N N 51  
ASN ND2 HD21 sing N N 52  
ASN ND2 HD22 sing N N 53  
ASN OXT HXT  sing N N 54  
ASP N   CA   sing N N 55  
ASP N   H    sing N N 56  
ASP N   H2   sing N N 57  
ASP CA  C    sing N N 58  
ASP CA  CB   sing N N 59  
ASP CA  HA   sing N N 60  
ASP C   O    doub N N 61  
ASP C   OXT  sing N N 62  
ASP CB  CG   sing N N 63  
ASP CB  HB2  sing N N 64  
ASP CB  HB3  sing N N 65  
ASP CG  OD1  doub N N 66  
ASP CG  OD2  sing N N 67  
ASP OD2 HD2  sing N N 68  
ASP OXT HXT  sing N N 69  
GLN N   CA   sing N N 70  
GLN N   H    sing N N 71  
GLN N   H2   sing N N 72  
GLN CA  C    sing N N 73  
GLN CA  CB   sing N N 74  
GLN CA  HA   sing N N 75  
GLN C   O    doub N N 76  
GLN C   OXT  sing N N 77  
GLN CB  CG   sing N N 78  
GLN CB  HB2  sing N N 79  
GLN CB  HB3  sing N N 80  
GLN CG  CD   sing N N 81  
GLN CG  HG2  sing N N 82  
GLN CG  HG3  sing N N 83  
GLN CD  OE1  doub N N 84  
GLN CD  NE2  sing N N 85  
GLN NE2 HE21 sing N N 86  
GLN NE2 HE22 sing N N 87  
GLN OXT HXT  sing N N 88  
GLU N   CA   sing N N 89  
GLU N   H    sing N N 90  
GLU N   H2   sing N N 91  
GLU CA  C    sing N N 92  
GLU CA  CB   sing N N 93  
GLU CA  HA   sing N N 94  
GLU C   O    doub N N 95  
GLU C   OXT  sing N N 96  
GLU CB  CG   sing N N 97  
GLU CB  HB2  sing N N 98  
GLU CB  HB3  sing N N 99  
GLU CG  CD   sing N N 100 
GLU CG  HG2  sing N N 101 
GLU CG  HG3  sing N N 102 
GLU CD  OE1  doub N N 103 
GLU CD  OE2  sing N N 104 
GLU OE2 HE2  sing N N 105 
GLU OXT HXT  sing N N 106 
GLY N   CA   sing N N 107 
GLY N   H    sing N N 108 
GLY N   H2   sing N N 109 
GLY CA  C    sing N N 110 
GLY CA  HA2  sing N N 111 
GLY CA  HA3  sing N N 112 
GLY C   O    doub N N 113 
GLY C   OXT  sing N N 114 
GLY OXT HXT  sing N N 115 
HIS N   CA   sing N N 116 
HIS N   H    sing N N 117 
HIS N   H2   sing N N 118 
HIS CA  C    sing N N 119 
HIS CA  CB   sing N N 120 
HIS CA  HA   sing N N 121 
HIS C   O    doub N N 122 
HIS C   OXT  sing N N 123 
HIS CB  CG   sing N N 124 
HIS CB  HB2  sing N N 125 
HIS CB  HB3  sing N N 126 
HIS CG  ND1  sing Y N 127 
HIS CG  CD2  doub Y N 128 
HIS ND1 CE1  doub Y N 129 
HIS ND1 HD1  sing N N 130 
HIS CD2 NE2  sing Y N 131 
HIS CD2 HD2  sing N N 132 
HIS CE1 NE2  sing Y N 133 
HIS CE1 HE1  sing N N 134 
HIS NE2 HE2  sing N N 135 
HIS OXT HXT  sing N N 136 
HOH O   H1   sing N N 137 
HOH O   H2   sing N N 138 
ILE N   CA   sing N N 139 
ILE N   H    sing N N 140 
ILE N   H2   sing N N 141 
ILE CA  C    sing N N 142 
ILE CA  CB   sing N N 143 
ILE CA  HA   sing N N 144 
ILE C   O    doub N N 145 
ILE C   OXT  sing N N 146 
ILE CB  CG1  sing N N 147 
ILE CB  CG2  sing N N 148 
ILE CB  HB   sing N N 149 
ILE CG1 CD1  sing N N 150 
ILE CG1 HG12 sing N N 151 
ILE CG1 HG13 sing N N 152 
ILE CG2 HG21 sing N N 153 
ILE CG2 HG22 sing N N 154 
ILE CG2 HG23 sing N N 155 
ILE CD1 HD11 sing N N 156 
ILE CD1 HD12 sing N N 157 
ILE CD1 HD13 sing N N 158 
ILE OXT HXT  sing N N 159 
LEU N   CA   sing N N 160 
LEU N   H    sing N N 161 
LEU N   H2   sing N N 162 
LEU CA  C    sing N N 163 
LEU CA  CB   sing N N 164 
LEU CA  HA   sing N N 165 
LEU C   O    doub N N 166 
LEU C   OXT  sing N N 167 
LEU CB  CG   sing N N 168 
LEU CB  HB2  sing N N 169 
LEU CB  HB3  sing N N 170 
LEU CG  CD1  sing N N 171 
LEU CG  CD2  sing N N 172 
LEU CG  HG   sing N N 173 
LEU CD1 HD11 sing N N 174 
LEU CD1 HD12 sing N N 175 
LEU CD1 HD13 sing N N 176 
LEU CD2 HD21 sing N N 177 
LEU CD2 HD22 sing N N 178 
LEU CD2 HD23 sing N N 179 
LEU OXT HXT  sing N N 180 
LYS N   CA   sing N N 181 
LYS N   H    sing N N 182 
LYS N   H2   sing N N 183 
LYS CA  C    sing N N 184 
LYS CA  CB   sing N N 185 
LYS CA  HA   sing N N 186 
LYS C   O    doub N N 187 
LYS C   OXT  sing N N 188 
LYS CB  CG   sing N N 189 
LYS CB  HB2  sing N N 190 
LYS CB  HB3  sing N N 191 
LYS CG  CD   sing N N 192 
LYS CG  HG2  sing N N 193 
LYS CG  HG3  sing N N 194 
LYS CD  CE   sing N N 195 
LYS CD  HD2  sing N N 196 
LYS CD  HD3  sing N N 197 
LYS CE  NZ   sing N N 198 
LYS CE  HE2  sing N N 199 
LYS CE  HE3  sing N N 200 
LYS NZ  HZ1  sing N N 201 
LYS NZ  HZ2  sing N N 202 
LYS NZ  HZ3  sing N N 203 
LYS OXT HXT  sing N N 204 
MET N   CA   sing N N 205 
MET N   H    sing N N 206 
MET N   H2   sing N N 207 
MET CA  C    sing N N 208 
MET CA  CB   sing N N 209 
MET CA  HA   sing N N 210 
MET C   O    doub N N 211 
MET C   OXT  sing N N 212 
MET CB  CG   sing N N 213 
MET CB  HB2  sing N N 214 
MET CB  HB3  sing N N 215 
MET CG  SD   sing N N 216 
MET CG  HG2  sing N N 217 
MET CG  HG3  sing N N 218 
MET SD  CE   sing N N 219 
MET CE  HE1  sing N N 220 
MET CE  HE2  sing N N 221 
MET CE  HE3  sing N N 222 
MET OXT HXT  sing N N 223 
MSE N   CA   sing N N 224 
MSE N   H    sing N N 225 
MSE N   H2   sing N N 226 
MSE CA  C    sing N N 227 
MSE CA  CB   sing N N 228 
MSE CA  HA   sing N N 229 
MSE C   O    doub N N 230 
MSE C   OXT  sing N N 231 
MSE OXT HXT  sing N N 232 
MSE CB  CG   sing N N 233 
MSE CB  HB2  sing N N 234 
MSE CB  HB3  sing N N 235 
MSE CG  SE   sing N N 236 
MSE CG  HG2  sing N N 237 
MSE CG  HG3  sing N N 238 
MSE SE  CE   sing N N 239 
MSE CE  HE1  sing N N 240 
MSE CE  HE2  sing N N 241 
MSE CE  HE3  sing N N 242 
PHE N   CA   sing N N 243 
PHE N   H    sing N N 244 
PHE N   H2   sing N N 245 
PHE CA  C    sing N N 246 
PHE CA  CB   sing N N 247 
PHE CA  HA   sing N N 248 
PHE C   O    doub N N 249 
PHE C   OXT  sing N N 250 
PHE CB  CG   sing N N 251 
PHE CB  HB2  sing N N 252 
PHE CB  HB3  sing N N 253 
PHE CG  CD1  doub Y N 254 
PHE CG  CD2  sing Y N 255 
PHE CD1 CE1  sing Y N 256 
PHE CD1 HD1  sing N N 257 
PHE CD2 CE2  doub Y N 258 
PHE CD2 HD2  sing N N 259 
PHE CE1 CZ   doub Y N 260 
PHE CE1 HE1  sing N N 261 
PHE CE2 CZ   sing Y N 262 
PHE CE2 HE2  sing N N 263 
PHE CZ  HZ   sing N N 264 
PHE OXT HXT  sing N N 265 
PRO N   CA   sing N N 266 
PRO N   CD   sing N N 267 
PRO N   H    sing N N 268 
PRO CA  C    sing N N 269 
PRO CA  CB   sing N N 270 
PRO CA  HA   sing N N 271 
PRO C   O    doub N N 272 
PRO C   OXT  sing N N 273 
PRO CB  CG   sing N N 274 
PRO CB  HB2  sing N N 275 
PRO CB  HB3  sing N N 276 
PRO CG  CD   sing N N 277 
PRO CG  HG2  sing N N 278 
PRO CG  HG3  sing N N 279 
PRO CD  HD2  sing N N 280 
PRO CD  HD3  sing N N 281 
PRO OXT HXT  sing N N 282 
THR N   CA   sing N N 283 
THR N   H    sing N N 284 
THR N   H2   sing N N 285 
THR CA  C    sing N N 286 
THR CA  CB   sing N N 287 
THR CA  HA   sing N N 288 
THR C   O    doub N N 289 
THR C   OXT  sing N N 290 
THR CB  OG1  sing N N 291 
THR CB  CG2  sing N N 292 
THR CB  HB   sing N N 293 
THR OG1 HG1  sing N N 294 
THR CG2 HG21 sing N N 295 
THR CG2 HG22 sing N N 296 
THR CG2 HG23 sing N N 297 
THR OXT HXT  sing N N 298 
TYR N   CA   sing N N 299 
TYR N   H    sing N N 300 
TYR N   H2   sing N N 301 
TYR CA  C    sing N N 302 
TYR CA  CB   sing N N 303 
TYR CA  HA   sing N N 304 
TYR C   O    doub N N 305 
TYR C   OXT  sing N N 306 
TYR CB  CG   sing N N 307 
TYR CB  HB2  sing N N 308 
TYR CB  HB3  sing N N 309 
TYR CG  CD1  doub Y N 310 
TYR CG  CD2  sing Y N 311 
TYR CD1 CE1  sing Y N 312 
TYR CD1 HD1  sing N N 313 
TYR CD2 CE2  doub Y N 314 
TYR CD2 HD2  sing N N 315 
TYR CE1 CZ   doub Y N 316 
TYR CE1 HE1  sing N N 317 
TYR CE2 CZ   sing Y N 318 
TYR CE2 HE2  sing N N 319 
TYR CZ  OH   sing N N 320 
TYR OH  HH   sing N N 321 
TYR OXT HXT  sing N N 322 
VAL N   CA   sing N N 323 
VAL N   H    sing N N 324 
VAL N   H2   sing N N 325 
VAL CA  C    sing N N 326 
VAL CA  CB   sing N N 327 
VAL CA  HA   sing N N 328 
VAL C   O    doub N N 329 
VAL C   OXT  sing N N 330 
VAL CB  CG1  sing N N 331 
VAL CB  CG2  sing N N 332 
VAL CB  HB   sing N N 333 
VAL CG1 HG11 sing N N 334 
VAL CG1 HG12 sing N N 335 
VAL CG1 HG13 sing N N 336 
VAL CG2 HG21 sing N N 337 
VAL CG2 HG22 sing N N 338 
VAL CG2 HG23 sing N N 339 
VAL OXT HXT  sing N N 340 
# 
_atom_sites.entry_id                    2CUW 
_atom_sites.fract_transf_matrix[1][1]   -0.00618121 
_atom_sites.fract_transf_matrix[1][2]   -0.00955529 
_atom_sites.fract_transf_matrix[1][3]   0.02011114 
_atom_sites.fract_transf_matrix[2][1]   -0.01951023 
_atom_sites.fract_transf_matrix[2][2]   0.00201385 
_atom_sites.fract_transf_matrix[2][3]   -0.00503969 
_atom_sites.fract_transf_matrix[3][1]   -0.00544043 
_atom_sites.fract_transf_matrix[3][2]   -0.02967479 
_atom_sites.fract_transf_matrix[3][3]   0.00920362 
_atom_sites.fract_transf_vector[1]      0.097611 
_atom_sites.fract_transf_vector[2]      0.233544 
_atom_sites.fract_transf_vector[3]      0.101397 
# 
loop_
_atom_type.symbol 
C  
N  
O  
SE 
# 
loop_
_atom_site.group_PDB 
_atom_site.id 
_atom_site.type_symbol 
_atom_site.label_atom_id 
_atom_site.label_alt_id 
_atom_site.label_comp_id 
_atom_site.label_asym_id 
_atom_site.label_entity_id 
_atom_site.label_seq_id 
_atom_site.pdbx_PDB_ins_code 
_atom_site.Cartn_x 
_atom_site.Cartn_y 
_atom_site.Cartn_z 
_atom_site.occupancy 
_atom_site.B_iso_or_equiv 
_atom_site.pdbx_formal_charge 
_atom_site.auth_seq_id 
_atom_site.auth_comp_id 
_atom_site.auth_asym_id 
_atom_site.auth_atom_id 
_atom_site.pdbx_PDB_model_num 
ATOM   1   N  N   . PRO A 1 2  ? -10.582 -17.458 -11.735 1.00 16.21 ? 2   PRO A N   1 
ATOM   2   C  CA  . PRO A 1 2  ? -10.034 -16.426 -12.647 1.00 17.72 ? 2   PRO A CA  1 
ATOM   3   C  C   . PRO A 1 2  ? -8.749  -15.844 -12.062 1.00 18.51 ? 2   PRO A C   1 
ATOM   4   O  O   . PRO A 1 2  ? -8.405  -16.116 -10.914 1.00 15.15 ? 2   PRO A O   1 
ATOM   5   C  CB  . PRO A 1 2  ? -11.084 -15.327 -12.775 1.00 16.61 ? 2   PRO A CB  1 
ATOM   6   C  CG  . PRO A 1 2  ? -12.371 -16.065 -12.344 1.00 18.87 ? 2   PRO A CG  1 
ATOM   7   C  CD  . PRO A 1 2  ? -11.909 -17.040 -11.247 1.00 17.91 ? 2   PRO A CD  1 
ATOM   8   N  N   . ARG A 1 3  ? -8.051  -15.045 -12.862 1.00 16.66 ? 3   ARG A N   1 
ATOM   9   C  CA  . ARG A 1 3  ? -6.836  -14.383 -12.414 1.00 18.20 ? 3   ARG A CA  1 
ATOM   10  C  C   . ARG A 1 3  ? -7.229  -13.005 -11.894 1.00 17.87 ? 3   ARG A C   1 
ATOM   11  O  O   . ARG A 1 3  ? -7.974  -12.275 -12.551 1.00 19.23 ? 3   ARG A O   1 
ATOM   12  C  CB  . ARG A 1 3  ? -5.852  -14.179 -13.565 1.00 18.88 ? 3   ARG A CB  1 
ATOM   13  C  CG  . ARG A 1 3  ? -5.176  -15.411 -14.121 1.00 24.16 ? 3   ARG A CG  1 
ATOM   14  C  CD  . ARG A 1 3  ? -3.940  -14.958 -14.911 1.00 26.55 ? 3   ARG A CD  1 
ATOM   15  N  NE  . ARG A 1 3  ? -4.283  -13.857 -15.814 1.00 27.91 ? 3   ARG A NE  1 
ATOM   16  C  CZ  . ARG A 1 3  ? -3.403  -13.027 -16.366 1.00 31.31 ? 3   ARG A CZ  1 
ATOM   17  N  NH1 . ARG A 1 3  ? -2.105  -13.157 -16.115 1.00 30.13 ? 3   ARG A NH1 1 
ATOM   18  N  NH2 . ARG A 1 3  ? -3.825  -12.065 -17.178 1.00 28.81 ? 3   ARG A NH2 1 
ATOM   19  N  N   . TYR A 1 4  ? -6.724  -12.642 -10.726 1.00 15.95 ? 4   TYR A N   1 
ATOM   20  C  CA  . TYR A 1 4  ? -7.028  -11.342 -10.155 1.00 13.99 ? 4   TYR A CA  1 
ATOM   21  C  C   . TYR A 1 4  ? -5.743  -10.586 -9.852  1.00 13.28 ? 4   TYR A C   1 
ATOM   22  O  O   . TYR A 1 4  ? -4.669  -11.174 -9.755  1.00 13.45 ? 4   TYR A O   1 
ATOM   23  C  CB  . TYR A 1 4  ? -7.826  -11.494 -8.860  1.00 14.68 ? 4   TYR A CB  1 
ATOM   24  C  CG  . TYR A 1 4  ? -9.151  -12.208 -9.019  1.00 15.45 ? 4   TYR A CG  1 
ATOM   25  C  CD1 . TYR A 1 4  ? -10.337 -11.496 -9.202  1.00 15.28 ? 4   TYR A CD1 1 
ATOM   26  C  CD2 . TYR A 1 4  ? -9.217  -13.598 -8.979  1.00 14.82 ? 4   TYR A CD2 1 
ATOM   27  C  CE1 . TYR A 1 4  ? -11.561 -12.161 -9.335  1.00 16.05 ? 4   TYR A CE1 1 
ATOM   28  C  CE2 . TYR A 1 4  ? -10.427 -14.272 -9.111  1.00 12.96 ? 4   TYR A CE2 1 
ATOM   29  C  CZ  . TYR A 1 4  ? -11.594 -13.555 -9.285  1.00 17.02 ? 4   TYR A CZ  1 
ATOM   30  O  OH  . TYR A 1 4  ? -12.792 -14.239 -9.384  1.00 14.33 ? 4   TYR A OH  1 
ATOM   31  N  N   . GLN A 1 5  ? -5.864  -9.273  -9.725  1.00 14.04 ? 5   GLN A N   1 
ATOM   32  C  CA  . GLN A 1 5  ? -4.733  -8.432  -9.384  1.00 13.86 ? 5   GLN A CA  1 
ATOM   33  C  C   . GLN A 1 5  ? -5.152  -7.631  -8.173  1.00 12.23 ? 5   GLN A C   1 
ATOM   34  O  O   . GLN A 1 5  ? -6.161  -6.923  -8.200  1.00 13.05 ? 5   GLN A O   1 
ATOM   35  C  CB  . GLN A 1 5  ? -4.369  -7.478  -10.530 1.00 16.34 ? 5   GLN A CB  1 
ATOM   36  C  CG  . GLN A 1 5  ? -3.158  -6.607  -10.220 1.00 15.88 ? 5   GLN A CG  1 
ATOM   37  C  CD  . GLN A 1 5  ? -2.825  -5.626  -11.330 1.00 17.43 ? 5   GLN A CD  1 
ATOM   38  O  OE1 . GLN A 1 5  ? -2.578  -6.017  -12.463 1.00 19.18 ? 5   GLN A OE1 1 
ATOM   39  N  NE2 . GLN A 1 5  ? -2.815  -4.343  -10.999 1.00 17.41 ? 5   GLN A NE2 1 
ATOM   40  N  N   . ALA A 1 6  ? -4.389  -7.764  -7.097  1.00 12.14 ? 6   ALA A N   1 
ATOM   41  C  CA  . ALA A 1 6  ? -4.670  -7.028  -5.882  1.00 12.32 ? 6   ALA A CA  1 
ATOM   42  C  C   . ALA A 1 6  ? -3.654  -5.905  -5.787  1.00 13.29 ? 6   ALA A C   1 
ATOM   43  O  O   . ALA A 1 6  ? -2.466  -6.121  -6.013  1.00 16.22 ? 6   ALA A O   1 
ATOM   44  C  CB  . ALA A 1 6  ? -4.533  -7.932  -4.673  1.00 13.34 ? 6   ALA A CB  1 
ATOM   45  N  N   . THR A 1 7  ? -4.124  -4.707  -5.464  1.00 10.97 ? 7   THR A N   1 
ATOM   46  C  CA  . THR A 1 7  ? -3.227  -3.575  -5.300  1.00 11.50 ? 7   THR A CA  1 
ATOM   47  C  C   . THR A 1 7  ? -3.186  -3.340  -3.808  1.00 13.01 ? 7   THR A C   1 
ATOM   48  O  O   . THR A 1 7  ? -4.119  -2.775  -3.233  1.00 13.28 ? 7   THR A O   1 
ATOM   49  C  CB  . THR A 1 7  ? -3.754  -2.309  -5.998  1.00 8.02  ? 7   THR A CB  1 
ATOM   50  O  OG1 . THR A 1 7  ? -3.896  -2.568  -7.397  1.00 9.55  ? 7   THR A OG1 1 
ATOM   51  C  CG2 . THR A 1 7  ? -2.779  -1.157  -5.790  1.00 8.51  ? 7   THR A CG2 1 
ATOM   52  N  N   . LEU A 1 8  ? -2.107  -3.811  -3.188  1.00 11.69 ? 8   LEU A N   1 
ATOM   53  C  CA  . LEU A 1 8  ? -1.907  -3.684  -1.756  1.00 12.24 ? 8   LEU A CA  1 
ATOM   54  C  C   . LEU A 1 8  ? -0.942  -2.559  -1.407  1.00 12.96 ? 8   LEU A C   1 
ATOM   55  O  O   . LEU A 1 8  ? 0.148   -2.472  -1.970  1.00 14.45 ? 8   LEU A O   1 
ATOM   56  C  CB  . LEU A 1 8  ? -1.362  -4.998  -1.191  1.00 12.75 ? 8   LEU A CB  1 
ATOM   57  C  CG  . LEU A 1 8  ? -2.328  -6.186  -1.112  1.00 15.86 ? 8   LEU A CG  1 
ATOM   58  C  CD1 . LEU A 1 8  ? -1.560  -7.444  -0.773  1.00 17.71 ? 8   LEU A CD1 1 
ATOM   59  C  CD2 . LEU A 1 8  ? -3.392  -5.910  -0.061  1.00 14.42 ? 8   LEU A CD2 1 
ATOM   60  N  N   . LEU A 1 9  ? -1.357  -1.706  -0.477  1.00 12.55 ? 9   LEU A N   1 
ATOM   61  C  CA  . LEU A 1 9  ? -0.534  -0.602  -0.003  1.00 13.21 ? 9   LEU A CA  1 
ATOM   62  C  C   . LEU A 1 9  ? -0.083  -0.928  1.416   1.00 15.13 ? 9   LEU A C   1 
ATOM   63  O  O   . LEU A 1 9  ? -0.899  -1.280  2.271   1.00 16.66 ? 9   LEU A O   1 
ATOM   64  C  CB  . LEU A 1 9  ? -1.337  0.703   0.035   1.00 10.80 ? 9   LEU A CB  1 
ATOM   65  C  CG  . LEU A 1 9  ? -1.940  1.187   -1.291  1.00 10.80 ? 9   LEU A CG  1 
ATOM   66  C  CD1 . LEU A 1 9  ? -2.623  2.543   -1.068  1.00 9.08  ? 9   LEU A CD1 1 
ATOM   67  C  CD2 . LEU A 1 9  ? -0.835  1.286   -2.354  1.00 5.29  ? 9   LEU A CD2 1 
ATOM   68  N  N   . ILE A 1 10 ? 1.213   -0.831  1.665   1.00 13.75 ? 10  ILE A N   1 
ATOM   69  C  CA  . ILE A 1 10 ? 1.728   -1.077  3.006   1.00 13.18 ? 10  ILE A CA  1 
ATOM   70  C  C   . ILE A 1 10 ? 2.297   0.256   3.444   1.00 12.03 ? 10  ILE A C   1 
ATOM   71  O  O   . ILE A 1 10 ? 3.339   0.691   2.954   1.00 12.28 ? 10  ILE A O   1 
ATOM   72  C  CB  . ILE A 1 10 ? 2.821   -2.141  3.001   1.00 12.89 ? 10  ILE A CB  1 
ATOM   73  C  CG1 . ILE A 1 10 ? 2.269   -3.422  2.380   1.00 13.96 ? 10  ILE A CG1 1 
ATOM   74  C  CG2 . ILE A 1 10 ? 3.321   -2.377  4.431   1.00 12.79 ? 10  ILE A CG2 1 
ATOM   75  C  CD1 . ILE A 1 10 ? 3.284   -4.533  2.283   1.00 21.46 ? 10  ILE A CD1 1 
ATOM   76  N  N   . GLU A 1 11 ? 1.600   0.906   4.365   1.00 12.86 ? 11  GLU A N   1 
ATOM   77  C  CA  . GLU A 1 11 ? 2.007   2.222   4.819   1.00 15.77 ? 11  GLU A CA  1 
ATOM   78  C  C   . GLU A 1 11 ? 2.261   2.306   6.312   1.00 18.25 ? 11  GLU A C   1 
ATOM   79  O  O   . GLU A 1 11 ? 1.856   1.420   7.085   1.00 17.80 ? 11  GLU A O   1 
ATOM   80  C  CB  . GLU A 1 11 ? 0.938   3.243   4.384   1.00 17.55 ? 11  GLU A CB  1 
ATOM   81  C  CG  . GLU A 1 11 ? 0.541   3.051   2.909   1.00 18.05 ? 11  GLU A CG  1 
ATOM   82  C  CD  . GLU A 1 11 ? -0.466  4.073   2.391   1.00 22.64 ? 11  GLU A CD  1 
ATOM   83  O  OE1 . GLU A 1 11 ? -1.487  4.310   3.069   1.00 26.45 ? 11  GLU A OE1 1 
ATOM   84  O  OE2 . GLU A 1 11 ? -0.239  4.628   1.291   1.00 20.14 ? 11  GLU A OE2 1 
ATOM   85  N  N   . LEU A 1 12 ? 2.943   3.375   6.705   1.00 15.47 ? 12  LEU A N   1 
ATOM   86  C  CA  . LEU A 1 12 ? 3.274   3.617   8.097   1.00 17.52 ? 12  LEU A CA  1 
ATOM   87  C  C   . LEU A 1 12 ? 2.066   4.104   8.897   1.00 20.13 ? 12  LEU A C   1 
ATOM   88  O  O   . LEU A 1 12 ? 1.301   4.953   8.432   1.00 17.26 ? 12  LEU A O   1 
ATOM   89  C  CB  . LEU A 1 12 ? 4.389   4.658   8.192   1.00 18.22 ? 12  LEU A CB  1 
ATOM   90  C  CG  . LEU A 1 12 ? 5.677   4.352   7.420   1.00 20.57 ? 12  LEU A CG  1 
ATOM   91  C  CD1 . LEU A 1 12 ? 6.633   5.533   7.519   1.00 18.95 ? 12  LEU A CD1 1 
ATOM   92  C  CD2 . LEU A 1 12 ? 6.313   3.082   7.979   1.00 21.13 ? 12  LEU A CD2 1 
ATOM   93  N  N   . LYS A 1 13 ? 1.899   3.567   10.102  1.00 18.58 ? 13  LYS A N   1 
ATOM   94  C  CA  . LYS A 1 13 ? 0.798   3.986   10.954  1.00 22.92 ? 13  LYS A CA  1 
ATOM   95  C  C   . LYS A 1 13 ? 1.110   5.403   11.402  1.00 25.91 ? 13  LYS A C   1 
ATOM   96  O  O   . LYS A 1 13 ? 2.245   5.871   11.272  1.00 24.39 ? 13  LYS A O   1 
ATOM   97  C  CB  . LYS A 1 13 ? 0.684   3.093   12.193  1.00 23.57 ? 13  LYS A CB  1 
ATOM   98  C  CG  . LYS A 1 13 ? 0.413   1.631   11.904  1.00 23.95 ? 13  LYS A CG  1 
ATOM   99  C  CD  . LYS A 1 13 ? 0.126   0.877   13.195  1.00 26.93 ? 13  LYS A CD  1 
ATOM   100 C  CE  . LYS A 1 13 ? -0.306  -0.549  12.909  1.00 30.26 ? 13  LYS A CE  1 
ATOM   101 N  NZ  . LYS A 1 13 ? -0.697  -1.268  14.150  1.00 31.86 ? 13  LYS A NZ  1 
ATOM   102 N  N   . LYS A 1 14 ? 0.105   6.084   11.939  1.00 29.42 ? 14  LYS A N   1 
ATOM   103 C  CA  . LYS A 1 14 ? 0.291   7.446   12.416  1.00 33.35 ? 14  LYS A CA  1 
ATOM   104 C  C   . LYS A 1 14 ? 1.282   7.470   13.574  1.00 34.61 ? 14  LYS A C   1 
ATOM   105 O  O   . LYS A 1 14 ? 1.263   6.593   14.431  1.00 35.91 ? 14  LYS A O   1 
ATOM   106 C  CB  . LYS A 1 14 ? -1.057  8.035   12.851  1.00 36.15 ? 14  LYS A CB  1 
ATOM   107 C  CG  . LYS A 1 14 ? -1.894  8.586   11.684  1.00 39.45 ? 14  LYS A CG  1 
ATOM   108 C  CD  . LYS A 1 14 ? -2.016  7.569   10.551  1.00 41.63 ? 14  LYS A CD  1 
ATOM   109 C  CE  . LYS A 1 14 ? -2.494  8.212   9.258   1.00 44.13 ? 14  LYS A CE  1 
ATOM   110 N  NZ  . LYS A 1 14 ? -2.447  7.240   8.126   1.00 45.33 ? 14  LYS A NZ  1 
ATOM   111 N  N   . GLY A 1 15 ? 2.159   8.469   13.584  1.00 35.84 ? 15  GLY A N   1 
ATOM   112 C  CA  . GLY A 1 15 ? 3.141   8.577   14.645  1.00 36.70 ? 15  GLY A CA  1 
ATOM   113 C  C   . GLY A 1 15 ? 4.491   7.992   14.278  1.00 38.72 ? 15  GLY A C   1 
ATOM   114 O  O   . GLY A 1 15 ? 5.522   8.426   14.793  1.00 38.80 ? 15  GLY A O   1 
ATOM   115 N  N   . ILE A 1 16 ? 4.497   6.995   13.398  1.00 38.72 ? 16  ILE A N   1 
ATOM   116 C  CA  . ILE A 1 16 ? 5.754   6.386   12.983  1.00 39.36 ? 16  ILE A CA  1 
ATOM   117 C  C   . ILE A 1 16 ? 6.558   7.389   12.164  1.00 40.39 ? 16  ILE A C   1 
ATOM   118 O  O   . ILE A 1 16 ? 6.044   7.998   11.221  1.00 39.77 ? 16  ILE A O   1 
ATOM   119 C  CB  . ILE A 1 16 ? 5.534   5.113   12.126  1.00 38.57 ? 16  ILE A CB  1 
ATOM   120 C  CG1 . ILE A 1 16 ? 4.945   3.990   12.977  1.00 38.74 ? 16  ILE A CG1 1 
ATOM   121 C  CG2 . ILE A 1 16 ? 6.852   4.660   11.524  1.00 38.47 ? 16  ILE A CG2 1 
ATOM   122 C  CD1 . ILE A 1 16 ? 3.537   4.244   13.420  1.00 40.95 ? 16  ILE A CD1 1 
ATOM   123 N  N   . LEU A 1 17 ? 7.823   7.559   12.535  1.00 40.65 ? 17  LEU A N   1 
ATOM   124 C  CA  . LEU A 1 17 ? 8.709   8.480   11.841  1.00 40.87 ? 17  LEU A CA  1 
ATOM   125 C  C   . LEU A 1 17 ? 8.794   8.070   10.381  1.00 39.69 ? 17  LEU A C   1 
ATOM   126 O  O   . LEU A 1 17 ? 9.006   6.898   10.074  1.00 41.24 ? 17  LEU A O   1 
ATOM   127 C  CB  . LEU A 1 17 ? 10.105  8.442   12.463  1.00 41.81 ? 17  LEU A CB  1 
ATOM   128 C  CG  . LEU A 1 17 ? 10.226  8.846   13.934  1.00 43.25 ? 17  LEU A CG  1 
ATOM   129 C  CD1 . LEU A 1 17 ? 11.631  8.556   14.438  1.00 43.08 ? 17  LEU A CD1 1 
ATOM   130 C  CD2 . LEU A 1 17 ? 9.895   10.319  14.085  1.00 43.82 ? 17  LEU A CD2 1 
ATOM   131 N  N   . ASP A 1 18 ? 8.618   9.029   9.484   1.00 37.68 ? 18  ASP A N   1 
ATOM   132 C  CA  . ASP A 1 18 ? 8.696   8.740   8.061   1.00 35.64 ? 18  ASP A CA  1 
ATOM   133 C  C   . ASP A 1 18 ? 9.815   9.576   7.453   1.00 35.27 ? 18  ASP A C   1 
ATOM   134 O  O   . ASP A 1 18 ? 9.565   10.554  6.751   1.00 35.21 ? 18  ASP A O   1 
ATOM   135 C  CB  . ASP A 1 18 ? 7.369   9.067   7.369   1.00 33.68 ? 18  ASP A CB  1 
ATOM   136 C  CG  . ASP A 1 18 ? 7.342   8.616   5.919   1.00 31.89 ? 18  ASP A CG  1 
ATOM   137 O  OD1 . ASP A 1 18 ? 8.427   8.459   5.320   1.00 29.67 ? 18  ASP A OD1 1 
ATOM   138 O  OD2 . ASP A 1 18 ? 6.234   8.432   5.373   1.00 30.51 ? 18  ASP A OD2 1 
ATOM   139 N  N   . PRO A 1 19 ? 11.071  9.200   7.725   1.00 35.61 ? 19  PRO A N   1 
ATOM   140 C  CA  . PRO A 1 19 ? 12.215  9.937   7.187   1.00 35.34 ? 19  PRO A CA  1 
ATOM   141 C  C   . PRO A 1 19 ? 12.086  10.223  5.691   1.00 34.08 ? 19  PRO A C   1 
ATOM   142 O  O   . PRO A 1 19 ? 12.256  11.361  5.255   1.00 33.74 ? 19  PRO A O   1 
ATOM   143 C  CB  . PRO A 1 19 ? 13.404  9.027   7.522   1.00 36.38 ? 19  PRO A CB  1 
ATOM   144 C  CG  . PRO A 1 19 ? 12.785  7.663   7.673   1.00 35.88 ? 19  PRO A CG  1 
ATOM   145 C  CD  . PRO A 1 19 ? 11.516  7.977   8.410   1.00 36.16 ? 19  PRO A CD  1 
ATOM   146 N  N   . GLN A 1 20 ? 11.776  9.190   4.913   1.00 32.61 ? 20  GLN A N   1 
ATOM   147 C  CA  . GLN A 1 20 ? 11.620  9.348   3.472   1.00 31.78 ? 20  GLN A CA  1 
ATOM   148 C  C   . GLN A 1 20 ? 10.571  10.417  3.180   1.00 29.21 ? 20  GLN A C   1 
ATOM   149 O  O   . GLN A 1 20 ? 10.798  11.319  2.379   1.00 27.91 ? 20  GLN A O   1 
ATOM   150 C  CB  . GLN A 1 20 ? 11.204  8.020   2.831   1.00 32.02 ? 20  GLN A CB  1 
ATOM   151 C  CG  . GLN A 1 20 ? 12.220  6.908   3.015   1.00 35.92 ? 20  GLN A CG  1 
ATOM   152 C  CD  . GLN A 1 20 ? 11.838  5.643   2.279   1.00 37.27 ? 20  GLN A CD  1 
ATOM   153 O  OE1 . GLN A 1 20 ? 11.778  5.621   1.048   1.00 39.11 ? 20  GLN A OE1 1 
ATOM   154 N  NE2 . GLN A 1 20 ? 11.570  4.578   3.028   1.00 40.24 ? 20  GLN A NE2 1 
ATOM   155 N  N   . GLY A 1 21 ? 9.424   10.302  3.840   1.00 28.85 ? 21  GLY A N   1 
ATOM   156 C  CA  . GLY A 1 21 ? 8.352   11.262  3.655   1.00 28.78 ? 21  GLY A CA  1 
ATOM   157 C  C   . GLY A 1 21 ? 8.809   12.672  3.980   1.00 29.06 ? 21  GLY A C   1 
ATOM   158 O  O   . GLY A 1 21 ? 8.579   13.596  3.205   1.00 28.43 ? 21  GLY A O   1 
ATOM   159 N  N   . ARG A 1 22 ? 9.456   12.841  5.130   1.00 29.57 ? 22  ARG A N   1 
ATOM   160 C  CA  . ARG A 1 22 ? 9.957   14.153  5.520   1.00 32.85 ? 22  ARG A CA  1 
ATOM   161 C  C   . ARG A 1 22 ? 10.891  14.660  4.435   1.00 32.55 ? 22  ARG A C   1 
ATOM   162 O  O   . ARG A 1 22 ? 10.798  15.807  4.011   1.00 34.06 ? 22  ARG A O   1 
ATOM   163 C  CB  . ARG A 1 22 ? 10.717  14.076  6.844   1.00 34.51 ? 22  ARG A CB  1 
ATOM   164 C  CG  . ARG A 1 22 ? 9.941   14.576  8.052   1.00 39.64 ? 22  ARG A CG  1 
ATOM   165 C  CD  . ARG A 1 22 ? 8.794   13.652  8.437   1.00 42.72 ? 22  ARG A CD  1 
ATOM   166 N  NE  . ARG A 1 22 ? 7.737   13.610  7.431   1.00 45.93 ? 22  ARG A NE  1 
ATOM   167 C  CZ  . ARG A 1 22 ? 6.625   12.891  7.550   1.00 47.07 ? 22  ARG A CZ  1 
ATOM   168 N  NH1 . ARG A 1 22 ? 5.711   12.908  6.588   1.00 45.79 ? 22  ARG A NH1 1 
ATOM   169 N  NH2 . ARG A 1 22 ? 6.428   12.152  8.635   1.00 47.98 ? 22  ARG A NH2 1 
ATOM   170 N  N   . ALA A 1 23 ? 11.783  13.791  3.977   1.00 32.69 ? 23  ALA A N   1 
ATOM   171 C  CA  . ALA A 1 23 ? 12.733  14.165  2.940   1.00 33.18 ? 23  ALA A CA  1 
ATOM   172 C  C   . ALA A 1 23 ? 12.012  14.661  1.692   1.00 33.43 ? 23  ALA A C   1 
ATOM   173 O  O   . ALA A 1 23 ? 12.358  15.709  1.146   1.00 34.31 ? 23  ALA A O   1 
ATOM   174 C  CB  . ALA A 1 23 ? 13.624  12.983  2.596   1.00 32.03 ? 23  ALA A CB  1 
ATOM   175 N  N   . VAL A 1 24 ? 11.007  13.913  1.246   1.00 33.14 ? 24  VAL A N   1 
ATOM   176 C  CA  . VAL A 1 24 ? 10.253  14.287  0.055   1.00 31.49 ? 24  VAL A CA  1 
ATOM   177 C  C   . VAL A 1 24 ? 9.572   15.644  0.210   1.00 31.45 ? 24  VAL A C   1 
ATOM   178 O  O   . VAL A 1 24 ? 9.601   16.466  -0.705  1.00 31.41 ? 24  VAL A O   1 
ATOM   179 C  CB  . VAL A 1 24 ? 9.190   13.223  -0.284  1.00 31.70 ? 24  VAL A CB  1 
ATOM   180 C  CG1 . VAL A 1 24 ? 8.344   13.683  -1.456  1.00 29.36 ? 24  VAL A CG1 1 
ATOM   181 C  CG2 . VAL A 1 24 ? 9.877   11.899  -0.604  1.00 31.22 ? 24  VAL A CG2 1 
ATOM   182 N  N   . GLU A 1 25 ? 8.961   15.879  1.365   1.00 32.06 ? 25  GLU A N   1 
ATOM   183 C  CA  . GLU A 1 25 ? 8.299   17.155  1.610   1.00 34.52 ? 25  GLU A CA  1 
ATOM   184 C  C   . GLU A 1 25 ? 9.350   18.248  1.442   1.00 36.08 ? 25  GLU A C   1 
ATOM   185 O  O   . GLU A 1 25 ? 9.161   19.203  0.688   1.00 35.99 ? 25  GLU A O   1 
ATOM   186 C  CB  . GLU A 1 25 ? 7.749   17.206  3.035   1.00 34.37 ? 25  GLU A CB  1 
ATOM   187 C  CG  . GLU A 1 25 ? 7.028   15.950  3.462   1.00 35.17 ? 25  GLU A CG  1 
ATOM   188 C  CD  . GLU A 1 25 ? 6.595   16.002  4.904   1.00 35.51 ? 25  GLU A CD  1 
ATOM   189 O  OE1 . GLU A 1 25 ? 7.317   16.624  5.713   1.00 36.41 ? 25  GLU A OE1 1 
ATOM   190 O  OE2 . GLU A 1 25 ? 5.542   15.416  5.232   1.00 35.77 ? 25  GLU A OE2 1 
ATOM   191 N  N   . GLY A 1 26 ? 10.466  18.082  2.148   1.00 37.21 ? 26  GLY A N   1 
ATOM   192 C  CA  . GLY A 1 26 ? 11.551  19.043  2.085   1.00 37.80 ? 26  GLY A CA  1 
ATOM   193 C  C   . GLY A 1 26 ? 11.993  19.378  0.674   1.00 38.28 ? 26  GLY A C   1 
ATOM   194 O  O   . GLY A 1 26 ? 12.173  20.548  0.340   1.00 39.92 ? 26  GLY A O   1 
ATOM   195 N  N   . VAL A 1 27 ? 12.168  18.357  -0.158  1.00 38.31 ? 27  VAL A N   1 
ATOM   196 C  CA  . VAL A 1 27 ? 12.597  18.570  -1.534  1.00 38.87 ? 27  VAL A CA  1 
ATOM   197 C  C   . VAL A 1 27 ? 11.515  19.251  -2.367  1.00 39.88 ? 27  VAL A C   1 
ATOM   198 O  O   . VAL A 1 27 ? 11.781  20.258  -3.026  1.00 39.68 ? 27  VAL A O   1 
ATOM   199 C  CB  . VAL A 1 27 ? 12.995  17.237  -2.204  1.00 39.23 ? 27  VAL A CB  1 
ATOM   200 C  CG1 . VAL A 1 27 ? 13.378  17.471  -3.656  1.00 38.66 ? 27  VAL A CG1 1 
ATOM   201 C  CG2 . VAL A 1 27 ? 14.160  16.613  -1.449  1.00 38.60 ? 27  VAL A CG2 1 
ATOM   202 N  N   . LEU A 1 28 ? 10.301  18.705  -2.338  1.00 39.99 ? 28  LEU A N   1 
ATOM   203 C  CA  . LEU A 1 28 ? 9.190   19.278  -3.091  1.00 40.42 ? 28  LEU A CA  1 
ATOM   204 C  C   . LEU A 1 28 ? 9.096   20.779  -2.847  1.00 41.23 ? 28  LEU A C   1 
ATOM   205 O  O   . LEU A 1 28 ? 8.802   21.542  -3.764  1.00 40.49 ? 28  LEU A O   1 
ATOM   206 C  CB  . LEU A 1 28 ? 7.869   18.616  -2.697  1.00 38.56 ? 28  LEU A CB  1 
ATOM   207 C  CG  . LEU A 1 28 ? 7.595   17.206  -3.221  1.00 39.02 ? 28  LEU A CG  1 
ATOM   208 C  CD1 . LEU A 1 28 ? 6.294   16.687  -2.629  1.00 37.73 ? 28  LEU A CD1 1 
ATOM   209 C  CD2 . LEU A 1 28 ? 7.513   17.226  -4.739  1.00 39.54 ? 28  LEU A CD2 1 
ATOM   210 N  N   . LYS A 1 29 ? 9.347   21.193  -1.607  1.00 43.19 ? 29  LYS A N   1 
ATOM   211 C  CA  . LYS A 1 29 ? 9.302   22.607  -1.253  1.00 44.91 ? 29  LYS A CA  1 
ATOM   212 C  C   . LYS A 1 29 ? 10.481  23.372  -1.844  1.00 45.92 ? 29  LYS A C   1 
ATOM   213 O  O   . LYS A 1 29 ? 10.319  24.488  -2.341  1.00 46.33 ? 29  LYS A O   1 
ATOM   214 C  CB  . LYS A 1 29 ? 9.283   22.784  0.266   1.00 46.08 ? 29  LYS A CB  1 
ATOM   215 C  CG  . LYS A 1 29 ? 7.881   22.886  0.855   1.00 48.64 ? 29  LYS A CG  1 
ATOM   216 C  CD  . LYS A 1 29 ? 7.189   21.534  0.981   1.00 48.83 ? 29  LYS A CD  1 
ATOM   217 C  CE  . LYS A 1 29 ? 7.504   20.896  2.318   1.00 50.05 ? 29  LYS A CE  1 
ATOM   218 N  NZ  . LYS A 1 29 ? 7.147   21.808  3.442   1.00 50.53 ? 29  LYS A NZ  1 
ATOM   219 N  N   . ASP A 1 30 ? 11.669  22.779  -1.792  1.00 46.45 ? 30  ASP A N   1 
ATOM   220 C  CA  . ASP A 1 30 ? 12.847  23.430  -2.349  1.00 46.34 ? 30  ASP A CA  1 
ATOM   221 C  C   . ASP A 1 30 ? 12.691  23.523  -3.862  1.00 46.36 ? 30  ASP A C   1 
ATOM   222 O  O   . ASP A 1 30 ? 13.440  24.234  -4.527  1.00 47.41 ? 30  ASP A O   1 
ATOM   223 C  CB  . ASP A 1 30 ? 14.119  22.642  -2.026  1.00 46.27 ? 30  ASP A CB  1 
ATOM   224 C  CG  . ASP A 1 30 ? 14.303  22.410  -0.544  1.00 46.55 ? 30  ASP A CG  1 
ATOM   225 O  OD1 . ASP A 1 30 ? 14.145  23.369  0.238   1.00 46.15 ? 30  ASP A OD1 1 
ATOM   226 O  OD2 . ASP A 1 30 ? 14.615  21.262  -0.158  1.00 48.78 ? 30  ASP A OD2 1 
ATOM   227 N  N   . LEU A 1 31 ? 11.709  22.802  -4.395  1.00 45.94 ? 31  LEU A N   1 
ATOM   228 C  CA  . LEU A 1 31 ? 11.459  22.784  -5.832  1.00 45.92 ? 31  LEU A CA  1 
ATOM   229 C  C   . LEU A 1 31 ? 10.239  23.608  -6.250  1.00 46.72 ? 31  LEU A C   1 
ATOM   230 O  O   . LEU A 1 31 ? 9.788   23.525  -7.392  1.00 46.77 ? 31  LEU A O   1 
ATOM   231 C  CB  . LEU A 1 31 ? 11.292  21.338  -6.304  1.00 46.25 ? 31  LEU A CB  1 
ATOM   232 C  CG  . LEU A 1 31 ? 12.467  20.401  -6.006  1.00 45.57 ? 31  LEU A CG  1 
ATOM   233 C  CD1 . LEU A 1 31 ? 12.097  18.977  -6.382  1.00 45.10 ? 31  LEU A CD1 1 
ATOM   234 C  CD2 . LEU A 1 31 ? 13.693  20.856  -6.771  1.00 44.63 ? 31  LEU A CD2 1 
ATOM   235 N  N   . GLY A 1 32 ? 9.702   24.397  -5.324  1.00 47.28 ? 32  GLY A N   1 
ATOM   236 C  CA  . GLY A 1 32 ? 8.553   25.227  -5.639  1.00 47.42 ? 32  GLY A CA  1 
ATOM   237 C  C   . GLY A 1 32 ? 7.216   24.512  -5.645  1.00 47.68 ? 32  GLY A C   1 
ATOM   238 O  O   . GLY A 1 32 ? 6.254   24.991  -6.249  1.00 47.90 ? 32  GLY A O   1 
ATOM   239 N  N   . HIS A 1 33 ? 7.149   23.364  -4.978  1.00 47.04 ? 33  HIS A N   1 
ATOM   240 C  CA  . HIS A 1 33 ? 5.910   22.596  -4.903  1.00 45.95 ? 33  HIS A CA  1 
ATOM   241 C  C   . HIS A 1 33 ? 5.591   22.248  -3.456  1.00 42.71 ? 33  HIS A C   1 
ATOM   242 O  O   . HIS A 1 33 ? 5.359   21.089  -3.125  1.00 42.99 ? 33  HIS A O   1 
ATOM   243 C  CB  . HIS A 1 33 ? 6.023   21.311  -5.725  1.00 48.89 ? 33  HIS A CB  1 
ATOM   244 C  CG  . HIS A 1 33 ? 5.991   21.538  -7.203  1.00 52.25 ? 33  HIS A CG  1 
ATOM   245 N  ND1 . HIS A 1 33 ? 4.890   22.056  -7.852  1.00 53.89 ? 33  HIS A ND1 1 
ATOM   246 C  CD2 . HIS A 1 33 ? 6.925   21.322  -8.160  1.00 53.19 ? 33  HIS A CD2 1 
ATOM   247 C  CE1 . HIS A 1 33 ? 5.147   22.149  -9.144  1.00 54.56 ? 33  HIS A CE1 1 
ATOM   248 N  NE2 . HIS A 1 33 ? 6.375   21.711  -9.357  1.00 54.49 ? 33  HIS A NE2 1 
ATOM   249 N  N   . PRO A 1 34 ? 5.572   23.258  -2.576  1.00 39.68 ? 34  PRO A N   1 
ATOM   250 C  CA  . PRO A 1 34 ? 5.282   23.035  -1.159  1.00 37.22 ? 34  PRO A CA  1 
ATOM   251 C  C   . PRO A 1 34 ? 4.025   22.212  -0.906  1.00 33.41 ? 34  PRO A C   1 
ATOM   252 O  O   . PRO A 1 34 ? 2.991   22.427  -1.540  1.00 34.00 ? 34  PRO A O   1 
ATOM   253 C  CB  . PRO A 1 34 ? 5.162   24.456  -0.607  1.00 38.85 ? 34  PRO A CB  1 
ATOM   254 C  CG  . PRO A 1 34 ? 6.120   25.224  -1.469  1.00 39.02 ? 34  PRO A CG  1 
ATOM   255 C  CD  . PRO A 1 34 ? 5.787   24.691  -2.844  1.00 39.53 ? 34  PRO A CD  1 
ATOM   256 N  N   . VAL A 1 35 ? 4.132   21.261  0.015   1.00 29.28 ? 35  VAL A N   1 
ATOM   257 C  CA  . VAL A 1 35 ? 3.008   20.413  0.381   1.00 25.97 ? 35  VAL A CA  1 
ATOM   258 C  C   . VAL A 1 35 ? 2.925   20.323  1.893   1.00 26.17 ? 35  VAL A C   1 
ATOM   259 O  O   . VAL A 1 35 ? 3.884   20.634  2.599   1.00 24.46 ? 35  VAL A O   1 
ATOM   260 C  CB  . VAL A 1 35 ? 3.146   18.991  -0.184  1.00 25.36 ? 35  VAL A CB  1 
ATOM   261 C  CG1 . VAL A 1 35 ? 3.151   19.037  -1.702  1.00 22.23 ? 35  VAL A CG1 1 
ATOM   262 C  CG2 . VAL A 1 35 ? 4.407   18.338  0.358   1.00 22.94 ? 35  VAL A CG2 1 
ATOM   263 N  N   . GLU A 1 36 ? 1.774   19.896  2.389   1.00 24.98 ? 36  GLU A N   1 
ATOM   264 C  CA  . GLU A 1 36 ? 1.579   19.778  3.821   1.00 25.11 ? 36  GLU A CA  1 
ATOM   265 C  C   . GLU A 1 36 ? 2.174   18.496  4.384   1.00 23.20 ? 36  GLU A C   1 
ATOM   266 O  O   . GLU A 1 36 ? 2.776   18.511  5.453   1.00 22.37 ? 36  GLU A O   1 
ATOM   267 C  CB  . GLU A 1 36 ? 0.091   19.842  4.140   1.00 28.38 ? 36  GLU A CB  1 
ATOM   268 C  CG  . GLU A 1 36 ? -0.556  21.119  3.647   1.00 33.97 ? 36  GLU A CG  1 
ATOM   269 C  CD  . GLU A 1 36 ? -2.048  21.110  3.817   1.00 36.61 ? 36  GLU A CD  1 
ATOM   270 O  OE1 . GLU A 1 36 ? -2.508  20.835  4.943   1.00 40.11 ? 36  GLU A OE1 1 
ATOM   271 O  OE2 . GLU A 1 36 ? -2.761  21.385  2.828   1.00 40.45 ? 36  GLU A OE2 1 
ATOM   272 N  N   . GLU A 1 37 ? 2.024   17.391  3.660   1.00 20.30 ? 37  GLU A N   1 
ATOM   273 C  CA  . GLU A 1 37 ? 2.542   16.120  4.149   1.00 20.75 ? 37  GLU A CA  1 
ATOM   274 C  C   . GLU A 1 37 ? 2.773   15.070  3.071   1.00 19.64 ? 37  GLU A C   1 
ATOM   275 O  O   . GLU A 1 37 ? 2.024   14.979  2.099   1.00 18.40 ? 37  GLU A O   1 
ATOM   276 C  CB  . GLU A 1 37 ? 1.579   15.546  5.197   1.00 22.22 ? 37  GLU A CB  1 
ATOM   277 C  CG  . GLU A 1 37 ? 2.003   14.208  5.773   1.00 26.60 ? 37  GLU A CG  1 
ATOM   278 C  CD  . GLU A 1 37 ? 0.958   13.609  6.690   1.00 29.46 ? 37  GLU A CD  1 
ATOM   279 O  OE1 . GLU A 1 37 ? -0.123  13.219  6.198   1.00 32.00 ? 37  GLU A OE1 1 
ATOM   280 O  OE2 . GLU A 1 37 ? 1.219   13.528  7.907   1.00 31.23 ? 37  GLU A OE2 1 
ATOM   281 N  N   . VAL A 1 38 ? 3.818   14.273  3.261   1.00 20.05 ? 38  VAL A N   1 
ATOM   282 C  CA  . VAL A 1 38 ? 4.145   13.191  2.346   1.00 18.66 ? 38  VAL A CA  1 
ATOM   283 C  C   . VAL A 1 38 ? 4.392   11.937  3.184   1.00 19.50 ? 38  VAL A C   1 
ATOM   284 O  O   . VAL A 1 38 ? 5.211   11.949  4.099   1.00 16.67 ? 38  VAL A O   1 
ATOM   285 C  CB  . VAL A 1 38 ? 5.424   13.479  1.527   1.00 22.08 ? 38  VAL A CB  1 
ATOM   286 C  CG1 . VAL A 1 38 ? 5.781   12.250  0.681   1.00 19.22 ? 38  VAL A CG1 1 
ATOM   287 C  CG2 . VAL A 1 38 ? 5.210   14.692  0.618   1.00 20.76 ? 38  VAL A CG2 1 
ATOM   288 N  N   . ARG A 1 39 ? 3.658   10.869  2.888   1.00 17.34 ? 39  ARG A N   1 
ATOM   289 C  CA  . ARG A 1 39 ? 3.835   9.614   3.601   1.00 17.59 ? 39  ARG A CA  1 
ATOM   290 C  C   . ARG A 1 39 ? 4.287   8.612   2.549   1.00 16.09 ? 39  ARG A C   1 
ATOM   291 O  O   . ARG A 1 39 ? 3.640   8.448   1.516   1.00 13.93 ? 39  ARG A O   1 
ATOM   292 C  CB  . ARG A 1 39 ? 2.525   9.173   4.263   1.00 19.34 ? 39  ARG A CB  1 
ATOM   293 C  CG  . ARG A 1 39 ? 1.986   10.184  5.274   1.00 24.24 ? 39  ARG A CG  1 
ATOM   294 C  CD  . ARG A 1 39 ? 0.950   9.578   6.211   1.00 29.53 ? 39  ARG A CD  1 
ATOM   295 N  NE  . ARG A 1 39 ? -0.190  8.994   5.508   1.00 34.53 ? 39  ARG A NE  1 
ATOM   296 C  CZ  . ARG A 1 39 ? -1.099  9.689   4.831   1.00 36.13 ? 39  ARG A CZ  1 
ATOM   297 N  NH1 . ARG A 1 39 ? -1.016  11.012  4.758   1.00 38.88 ? 39  ARG A NH1 1 
ATOM   298 N  NH2 . ARG A 1 39 ? -2.097  9.058   4.227   1.00 36.83 ? 39  ARG A NH2 1 
ATOM   299 N  N   . VAL A 1 40 ? 5.421   7.971   2.798   1.00 14.73 ? 40  VAL A N   1 
ATOM   300 C  CA  . VAL A 1 40 ? 5.967   7.021   1.849   1.00 13.95 ? 40  VAL A CA  1 
ATOM   301 C  C   . VAL A 1 40 ? 5.716   5.584   2.268   1.00 14.17 ? 40  VAL A C   1 
ATOM   302 O  O   . VAL A 1 40 ? 6.033   5.191   3.388   1.00 13.14 ? 40  VAL A O   1 
ATOM   303 C  CB  . VAL A 1 40 ? 7.482   7.231   1.680   1.00 15.66 ? 40  VAL A CB  1 
ATOM   304 C  CG1 . VAL A 1 40 ? 8.069   6.169   0.764   1.00 16.14 ? 40  VAL A CG1 1 
ATOM   305 C  CG2 . VAL A 1 40 ? 7.737   8.611   1.120   1.00 16.41 ? 40  VAL A CG2 1 
ATOM   306 N  N   . GLY A 1 41 ? 5.143   4.808   1.357   1.00 12.26 ? 41  GLY A N   1 
ATOM   307 C  CA  . GLY A 1 41 ? 4.878   3.417   1.645   1.00 13.47 ? 41  GLY A CA  1 
ATOM   308 C  C   . GLY A 1 41 ? 5.273   2.551   0.476   1.00 13.98 ? 41  GLY A C   1 
ATOM   309 O  O   . GLY A 1 41 ? 5.957   2.997   -0.451  1.00 12.70 ? 41  GLY A O   1 
ATOM   310 N  N   . LYS A 1 42 ? 4.843   1.298   0.521   1.00 13.36 ? 42  LYS A N   1 
ATOM   311 C  CA  . LYS A 1 42 ? 5.136   0.363   -0.544  1.00 13.62 ? 42  LYS A CA  1 
ATOM   312 C  C   . LYS A 1 42 ? 3.838   -0.078  -1.189  1.00 13.40 ? 42  LYS A C   1 
ATOM   313 O  O   . LYS A 1 42 ? 2.807   -0.187  -0.521  1.00 10.74 ? 42  LYS A O   1 
ATOM   314 C  CB  . LYS A 1 42 ? 5.866   -0.861  0.010   1.00 17.54 ? 42  LYS A CB  1 
ATOM   315 C  CG  . LYS A 1 42 ? 7.282   -0.570  0.470   1.00 22.45 ? 42  LYS A CG  1 
ATOM   316 C  CD  . LYS A 1 42 ? 7.788   -1.644  1.421   1.00 28.31 ? 42  LYS A CD  1 
ATOM   317 C  CE  . LYS A 1 42 ? 6.968   -1.667  2.707   1.00 30.24 ? 42  LYS A CE  1 
ATOM   318 N  NZ  . LYS A 1 42 ? 7.495   -2.629  3.716   1.00 31.76 ? 42  LYS A NZ  1 
ATOM   319 N  N   . VAL A 1 43 ? 3.880   -0.296  -2.498  1.00 11.14 ? 43  VAL A N   1 
ATOM   320 C  CA  . VAL A 1 43 ? 2.698   -0.777  -3.191  1.00 12.49 ? 43  VAL A CA  1 
ATOM   321 C  C   . VAL A 1 43 ? 3.119   -2.077  -3.834  1.00 10.62 ? 43  VAL A C   1 
ATOM   322 O  O   . VAL A 1 43 ? 4.211   -2.179  -4.386  1.00 12.18 ? 43  VAL A O   1 
ATOM   323 C  CB  . VAL A 1 43 ? 2.190   0.194   -4.315  1.00 9.94  ? 43  VAL A CB  1 
ATOM   324 C  CG1 . VAL A 1 43 ? 3.327   0.617   -5.211  1.00 9.01  ? 43  VAL A CG1 1 
ATOM   325 C  CG2 . VAL A 1 43 ? 1.150   -0.523  -5.169  1.00 6.96  ? 43  VAL A CG2 1 
ATOM   326 N  N   . LEU A 1 44 ? 2.262   -3.078  -3.727  1.00 10.55 ? 44  LEU A N   1 
ATOM   327 C  CA  . LEU A 1 44 ? 2.522   -4.369  -4.325  1.00 11.00 ? 44  LEU A CA  1 
ATOM   328 C  C   . LEU A 1 44 ? 1.357   -4.748  -5.217  1.00 11.66 ? 44  LEU A C   1 
ATOM   329 O  O   . LEU A 1 44 ? 0.211   -4.794  -4.768  1.00 11.54 ? 44  LEU A O   1 
ATOM   330 C  CB  . LEU A 1 44 ? 2.702   -5.456  -3.261  1.00 13.27 ? 44  LEU A CB  1 
ATOM   331 C  CG  . LEU A 1 44 ? 4.008   -5.460  -2.465  1.00 12.66 ? 44  LEU A CG  1 
ATOM   332 C  CD1 . LEU A 1 44 ? 3.846   -4.615  -1.233  1.00 14.03 ? 44  LEU A CD1 1 
ATOM   333 C  CD2 . LEU A 1 44 ? 4.364   -6.879  -2.091  1.00 16.88 ? 44  LEU A CD2 1 
ATOM   334 N  N   . GLU A 1 45 ? 1.659   -4.993  -6.487  1.00 10.63 ? 45  GLU A N   1 
ATOM   335 C  CA  . GLU A 1 45 ? 0.650   -5.408  -7.441  1.00 11.45 ? 45  GLU A CA  1 
ATOM   336 C  C   . GLU A 1 45 ? 0.806   -6.921  -7.443  1.00 11.84 ? 45  GLU A C   1 
ATOM   337 O  O   . GLU A 1 45 ? 1.841   -7.429  -7.860  1.00 9.61  ? 45  GLU A O   1 
ATOM   338 C  CB  . GLU A 1 45 ? 0.961   -4.851  -8.830  1.00 10.29 ? 45  GLU A CB  1 
ATOM   339 C  CG  . GLU A 1 45 ? 0.969   -3.324  -8.911  1.00 12.79 ? 45  GLU A CG  1 
ATOM   340 C  CD  . GLU A 1 45 ? -0.410  -2.710  -8.679  1.00 13.69 ? 45  GLU A CD  1 
ATOM   341 O  OE1 . GLU A 1 45 ? -1.387  -3.476  -8.566  1.00 13.30 ? 45  GLU A OE1 1 
ATOM   342 O  OE2 . GLU A 1 45 ? -0.514  -1.465  -8.615  1.00 11.14 ? 45  GLU A OE2 1 
ATOM   343 N  N   . ILE A 1 46 ? -0.191  -7.639  -6.939  1.00 11.44 ? 46  ILE A N   1 
ATOM   344 C  CA  . ILE A 1 46 ? -0.089  -9.093  -6.914  1.00 13.25 ? 46  ILE A CA  1 
ATOM   345 C  C   . ILE A 1 46 ? -1.135  -9.762  -7.787  1.00 10.78 ? 46  ILE A C   1 
ATOM   346 O  O   . ILE A 1 46 ? -2.333  -9.530  -7.632  1.00 10.54 ? 46  ILE A O   1 
ATOM   347 C  CB  . ILE A 1 46 ? -0.246  -9.672  -5.495  1.00 14.73 ? 46  ILE A CB  1 
ATOM   348 C  CG1 . ILE A 1 46 ? 0.740   -9.010  -4.531  1.00 17.19 ? 46  ILE A CG1 1 
ATOM   349 C  CG2 . ILE A 1 46 ? 0.003   -11.178 -5.535  1.00 15.34 ? 46  ILE A CG2 1 
ATOM   350 C  CD1 . ILE A 1 46 ? 0.295   -7.652  -4.043  1.00 24.74 ? 46  ILE A CD1 1 
ATOM   351 N  N   . VAL A 1 47 ? -0.666  -10.585 -8.711  1.00 11.64 ? 47  VAL A N   1 
ATOM   352 C  CA  . VAL A 1 47 ? -1.542  -11.316 -9.607  1.00 13.86 ? 47  VAL A CA  1 
ATOM   353 C  C   . VAL A 1 47 ? -1.614  -12.761 -9.107  1.00 14.32 ? 47  VAL A C   1 
ATOM   354 O  O   . VAL A 1 47 ? -0.589  -13.404 -8.865  1.00 15.18 ? 47  VAL A O   1 
ATOM   355 C  CB  . VAL A 1 47 ? -1.012  -11.279 -11.049 1.00 14.40 ? 47  VAL A CB  1 
ATOM   356 C  CG1 . VAL A 1 47 ? -1.849  -12.187 -11.951 1.00 13.43 ? 47  VAL A CG1 1 
ATOM   357 C  CG2 . VAL A 1 47 ? -1.056  -9.844  -11.564 1.00 14.72 ? 47  VAL A CG2 1 
ATOM   358 N  N   . PHE A 1 48 ? -2.831  -13.259 -8.941  1.00 14.49 ? 48  PHE A N   1 
ATOM   359 C  CA  . PHE A 1 48 ? -3.031  -14.612 -8.445  1.00 15.58 ? 48  PHE A CA  1 
ATOM   360 C  C   . PHE A 1 48 ? -4.391  -15.171 -8.857  1.00 15.95 ? 48  PHE A C   1 
ATOM   361 O  O   . PHE A 1 48 ? -5.324  -14.421 -9.133  1.00 15.32 ? 48  PHE A O   1 
ATOM   362 C  CB  . PHE A 1 48 ? -2.923  -14.616 -6.916  1.00 13.19 ? 48  PHE A CB  1 
ATOM   363 C  CG  . PHE A 1 48 ? -3.952  -13.759 -6.230  1.00 14.90 ? 48  PHE A CG  1 
ATOM   364 C  CD1 . PHE A 1 48 ? -5.078  -14.332 -5.646  1.00 14.46 ? 48  PHE A CD1 1 
ATOM   365 C  CD2 . PHE A 1 48 ? -3.805  -12.377 -6.175  1.00 14.21 ? 48  PHE A CD2 1 
ATOM   366 C  CE1 . PHE A 1 48 ? -6.043  -13.547 -5.019  1.00 14.01 ? 48  PHE A CE1 1 
ATOM   367 C  CE2 . PHE A 1 48 ? -4.766  -11.575 -5.547  1.00 16.32 ? 48  PHE A CE2 1 
ATOM   368 C  CZ  . PHE A 1 48 ? -5.888  -12.162 -4.967  1.00 14.67 ? 48  PHE A CZ  1 
ATOM   369 N  N   . PRO A 1 49 ? -4.515  -16.506 -8.897  1.00 16.69 ? 49  PRO A N   1 
ATOM   370 C  CA  . PRO A 1 49 ? -5.776  -17.141 -9.274  1.00 17.62 ? 49  PRO A CA  1 
ATOM   371 C  C   . PRO A 1 49 ? -6.664  -17.303 -8.041  1.00 19.43 ? 49  PRO A C   1 
ATOM   372 O  O   . PRO A 1 49 ? -6.172  -17.354 -6.913  1.00 17.13 ? 49  PRO A O   1 
ATOM   373 C  CB  . PRO A 1 49 ? -5.315  -18.473 -9.846  1.00 17.68 ? 49  PRO A CB  1 
ATOM   374 C  CG  . PRO A 1 49 ? -4.181  -18.827 -8.940  1.00 19.31 ? 49  PRO A CG  1 
ATOM   375 C  CD  . PRO A 1 49 ? -3.438  -17.507 -8.768  1.00 16.83 ? 49  PRO A CD  1 
ATOM   376 N  N   . ALA A 1 50 ? -7.971  -17.367 -8.260  1.00 20.13 ? 50  ALA A N   1 
ATOM   377 C  CA  . ALA A 1 50 ? -8.932  -17.537 -7.175  1.00 22.84 ? 50  ALA A CA  1 
ATOM   378 C  C   . ALA A 1 50 ? -10.248 -18.064 -7.737  1.00 24.97 ? 50  ALA A C   1 
ATOM   379 O  O   . ALA A 1 50 ? -10.508 -17.950 -8.936  1.00 25.06 ? 50  ALA A O   1 
ATOM   380 C  CB  . ALA A 1 50 ? -9.166  -16.207 -6.453  1.00 22.78 ? 50  ALA A CB  1 
ATOM   381 N  N   . GLU A 1 51 ? -11.069 -18.634 -6.862  1.00 25.50 ? 51  GLU A N   1 
ATOM   382 C  CA  . GLU A 1 51 ? -12.364 -19.190 -7.237  1.00 26.46 ? 51  GLU A CA  1 
ATOM   383 C  C   . GLU A 1 51 ? -13.371 -18.125 -7.644  1.00 25.34 ? 51  GLU A C   1 
ATOM   384 O  O   . GLU A 1 51 ? -14.123 -18.300 -8.604  1.00 24.05 ? 51  GLU A O   1 
ATOM   385 C  CB  . GLU A 1 51 ? -12.943 -19.992 -6.073  1.00 29.22 ? 51  GLU A CB  1 
ATOM   386 C  CG  . GLU A 1 51 ? -12.375 -21.387 -5.945  1.00 34.16 ? 51  GLU A CG  1 
ATOM   387 C  CD  . GLU A 1 51 ? -12.661 -22.222 -7.176  1.00 37.04 ? 51  GLU A CD  1 
ATOM   388 O  OE1 . GLU A 1 51 ? -13.794 -22.124 -7.704  1.00 37.60 ? 51  GLU A OE1 1 
ATOM   389 O  OE2 . GLU A 1 51 ? -11.760 -22.975 -7.607  1.00 38.60 ? 51  GLU A OE2 1 
ATOM   390 N  N   . ASN A 1 52 ? -13.388 -17.032 -6.891  1.00 24.75 ? 52  ASN A N   1 
ATOM   391 C  CA  . ASN A 1 52 ? -14.296 -15.930 -7.156  1.00 26.30 ? 52  ASN A CA  1 
ATOM   392 C  C   . ASN A 1 52 ? -13.779 -14.655 -6.506  1.00 25.86 ? 52  ASN A C   1 
ATOM   393 O  O   . ASN A 1 52 ? -12.839 -14.684 -5.713  1.00 26.16 ? 52  ASN A O   1 
ATOM   394 C  CB  . ASN A 1 52 ? -15.699 -16.252 -6.631  1.00 28.60 ? 52  ASN A CB  1 
ATOM   395 C  CG  . ASN A 1 52 ? -15.708 -16.579 -5.153  1.00 29.59 ? 52  ASN A CG  1 
ATOM   396 O  OD1 . ASN A 1 52 ? -15.276 -15.779 -4.326  1.00 31.69 ? 52  ASN A OD1 1 
ATOM   397 N  ND2 . ASN A 1 52 ? -16.210 -17.763 -4.811  1.00 30.09 ? 52  ASN A ND2 1 
ATOM   398 N  N   . LEU A 1 53 ? -14.408 -13.537 -6.844  1.00 26.65 ? 53  LEU A N   1 
ATOM   399 C  CA  . LEU A 1 53 ? -14.009 -12.240 -6.322  1.00 27.55 ? 53  LEU A CA  1 
ATOM   400 C  C   . LEU A 1 53 ? -13.976 -12.172 -4.798  1.00 29.61 ? 53  LEU A C   1 
ATOM   401 O  O   . LEU A 1 53 ? -13.132 -11.476 -4.225  1.00 29.33 ? 53  LEU A O   1 
ATOM   402 C  CB  . LEU A 1 53 ? -14.931 -11.151 -6.873  1.00 27.12 ? 53  LEU A CB  1 
ATOM   403 C  CG  . LEU A 1 53 ? -14.512 -9.712  -6.575  1.00 29.80 ? 53  LEU A CG  1 
ATOM   404 C  CD1 . LEU A 1 53 ? -13.116 -9.458  -7.155  1.00 26.86 ? 53  LEU A CD1 1 
ATOM   405 C  CD2 . LEU A 1 53 ? -15.528 -8.746  -7.173  1.00 27.79 ? 53  LEU A CD2 1 
ATOM   406 N  N   . LEU A 1 54 ? -14.887 -12.883 -4.135  1.00 28.90 ? 54  LEU A N   1 
ATOM   407 C  CA  . LEU A 1 54 ? -14.919 -12.873 -2.675  1.00 29.12 ? 54  LEU A CA  1 
ATOM   408 C  C   . LEU A 1 54 ? -13.711 -13.594 -2.088  1.00 28.22 ? 54  LEU A C   1 
ATOM   409 O  O   . LEU A 1 54 ? -13.100 -13.113 -1.132  1.00 28.18 ? 54  LEU A O   1 
ATOM   410 C  CB  . LEU A 1 54 ? -16.212 -13.504 -2.147  1.00 31.72 ? 54  LEU A CB  1 
ATOM   411 C  CG  . LEU A 1 54 ? -17.515 -12.732 -2.389  1.00 33.98 ? 54  LEU A CG  1 
ATOM   412 C  CD1 . LEU A 1 54 ? -18.040 -13.015 -3.789  1.00 34.15 ? 54  LEU A CD1 1 
ATOM   413 C  CD2 . LEU A 1 54 ? -18.547 -13.150 -1.355  1.00 35.90 ? 54  LEU A CD2 1 
ATOM   414 N  N   . GLU A 1 55 ? -13.365 -14.743 -2.662  1.00 25.67 ? 55  GLU A N   1 
ATOM   415 C  CA  . GLU A 1 55 ? -12.215 -15.505 -2.195  1.00 24.21 ? 55  GLU A CA  1 
ATOM   416 C  C   . GLU A 1 55 ? -10.918 -14.759 -2.512  1.00 25.23 ? 55  GLU A C   1 
ATOM   417 O  O   . GLU A 1 55 ? -9.918  -14.871 -1.793  1.00 24.06 ? 55  GLU A O   1 
ATOM   418 C  CB  . GLU A 1 55 ? -12.190 -16.876 -2.862  1.00 26.67 ? 55  GLU A CB  1 
ATOM   419 C  CG  . GLU A 1 55 ? -10.892 -17.638 -2.637  1.00 29.62 ? 55  GLU A CG  1 
ATOM   420 C  CD  . GLU A 1 55 ? -10.922 -19.039 -3.218  1.00 32.17 ? 55  GLU A CD  1 
ATOM   421 O  OE1 . GLU A 1 55 ? -11.764 -19.844 -2.762  1.00 34.80 ? 55  GLU A OE1 1 
ATOM   422 O  OE2 . GLU A 1 55 ? -10.109 -19.336 -4.124  1.00 32.33 ? 55  GLU A OE2 1 
ATOM   423 N  N   . ALA A 1 56 ? -10.939 -14.001 -3.600  1.00 23.53 ? 56  ALA A N   1 
ATOM   424 C  CA  . ALA A 1 56 ? -9.770  -13.237 -4.002  1.00 23.33 ? 56  ALA A CA  1 
ATOM   425 C  C   . ALA A 1 56 ? -9.488  -12.172 -2.946  1.00 22.69 ? 56  ALA A C   1 
ATOM   426 O  O   . ALA A 1 56 ? -8.356  -12.028 -2.493  1.00 22.90 ? 56  ALA A O   1 
ATOM   427 C  CB  . ALA A 1 56 ? -10.006 -12.591 -5.368  1.00 20.40 ? 56  ALA A CB  1 
ATOM   428 N  N   . GLU A 1 57 ? -10.519 -11.432 -2.547  1.00 23.38 ? 57  GLU A N   1 
ATOM   429 C  CA  . GLU A 1 57 ? -10.330 -10.400 -1.540  1.00 24.99 ? 57  GLU A CA  1 
ATOM   430 C  C   . GLU A 1 57 ? -9.769  -11.033 -0.277  1.00 25.53 ? 57  GLU A C   1 
ATOM   431 O  O   . GLU A 1 57 ? -8.827  -10.515 0.318   1.00 23.40 ? 57  GLU A O   1 
ATOM   432 C  CB  . GLU A 1 57 ? -11.640 -9.690  -1.206  1.00 26.88 ? 57  GLU A CB  1 
ATOM   433 C  CG  . GLU A 1 57 ? -11.399 -8.471  -0.328  1.00 32.62 ? 57  GLU A CG  1 
ATOM   434 C  CD  . GLU A 1 57 ? -12.665 -7.779  0.108   1.00 35.27 ? 57  GLU A CD  1 
ATOM   435 O  OE1 . GLU A 1 57 ? -13.570 -7.604  -0.736  1.00 38.01 ? 57  GLU A OE1 1 
ATOM   436 O  OE2 . GLU A 1 57 ? -12.747 -7.395  1.296   1.00 37.05 ? 57  GLU A OE2 1 
ATOM   437 N  N   . GLU A 1 58 ? -10.359 -12.155 0.127   1.00 25.06 ? 58  GLU A N   1 
ATOM   438 C  CA  . GLU A 1 58 ? -9.905  -12.873 1.313   1.00 25.41 ? 58  GLU A CA  1 
ATOM   439 C  C   . GLU A 1 58 ? -8.411  -13.140 1.221   1.00 24.14 ? 58  GLU A C   1 
ATOM   440 O  O   . GLU A 1 58 ? -7.657  -12.768 2.110   1.00 25.02 ? 58  GLU A O   1 
ATOM   441 C  CB  . GLU A 1 58 ? -10.664 -14.197 1.459   1.00 26.92 ? 58  GLU A CB  1 
ATOM   442 C  CG  . GLU A 1 58 ? -12.040 -14.052 2.095   1.00 28.54 ? 58  GLU A CG  1 
ATOM   443 C  CD  . GLU A 1 58 ? -12.968 -15.219 1.782   1.00 30.97 ? 58  GLU A CD  1 
ATOM   444 O  OE1 . GLU A 1 58 ? -12.523 -16.386 1.836   1.00 30.35 ? 58  GLU A OE1 1 
ATOM   445 O  OE2 . GLU A 1 58 ? -14.152 -14.959 1.486   1.00 34.51 ? 58  GLU A OE2 1 
ATOM   446 N  N   . LYS A 1 59 ? -7.989  -13.784 0.138   1.00 23.69 ? 59  LYS A N   1 
ATOM   447 C  CA  . LYS A 1 59 ? -6.581  -14.095 -0.068  1.00 23.60 ? 59  LYS A CA  1 
ATOM   448 C  C   . LYS A 1 59 ? -5.736  -12.818 -0.103  1.00 23.01 ? 59  LYS A C   1 
ATOM   449 O  O   . LYS A 1 59 ? -4.660  -12.751 0.491   1.00 21.97 ? 59  LYS A O   1 
ATOM   450 C  CB  . LYS A 1 59 ? -6.408  -14.854 -1.381  1.00 25.89 ? 59  LYS A CB  1 
ATOM   451 C  CG  . LYS A 1 59 ? -7.006  -16.250 -1.387  1.00 27.98 ? 59  LYS A CG  1 
ATOM   452 C  CD  . LYS A 1 59 ? -7.089  -16.784 -2.807  1.00 31.07 ? 59  LYS A CD  1 
ATOM   453 C  CE  . LYS A 1 59 ? -7.401  -18.274 -2.849  1.00 33.87 ? 59  LYS A CE  1 
ATOM   454 N  NZ  . LYS A 1 59 ? -6.189  -19.108 -2.616  1.00 34.53 ? 59  LYS A NZ  1 
ATOM   455 N  N   . ALA A 1 60 ? -6.230  -11.808 -0.810  1.00 21.93 ? 60  ALA A N   1 
ATOM   456 C  CA  . ALA A 1 60 ? -5.520  -10.542 -0.923  1.00 21.66 ? 60  ALA A CA  1 
ATOM   457 C  C   . ALA A 1 60 ? -5.246  -9.985  0.466   1.00 20.63 ? 60  ALA A C   1 
ATOM   458 O  O   . ALA A 1 60 ? -4.125  -9.587  0.780   1.00 17.04 ? 60  ALA A O   1 
ATOM   459 C  CB  . ALA A 1 60 ? -6.347  -9.548  -1.737  1.00 19.42 ? 60  ALA A CB  1 
ATOM   460 N  N   . LYS A 1 61 ? -6.281  -9.959  1.296   1.00 22.55 ? 61  LYS A N   1 
ATOM   461 C  CA  . LYS A 1 61 ? -6.150  -9.452  2.654   1.00 23.82 ? 61  LYS A CA  1 
ATOM   462 C  C   . LYS A 1 61 ? -5.138  -10.259 3.457   1.00 23.31 ? 61  LYS A C   1 
ATOM   463 O  O   . LYS A 1 61 ? -4.347  -9.698  4.213   1.00 22.42 ? 61  LYS A O   1 
ATOM   464 C  CB  . LYS A 1 61 ? -7.503  -9.480  3.360   1.00 24.92 ? 61  LYS A CB  1 
ATOM   465 C  CG  . LYS A 1 61 ? -8.454  -8.392  2.907   1.00 28.11 ? 61  LYS A CG  1 
ATOM   466 C  CD  . LYS A 1 61 ? -9.804  -8.543  3.589   1.00 30.34 ? 61  LYS A CD  1 
ATOM   467 C  CE  . LYS A 1 61 ? -10.655 -7.310  3.400   1.00 31.99 ? 61  LYS A CE  1 
ATOM   468 N  NZ  . LYS A 1 61 ? -10.101 -6.153  4.148   1.00 36.60 ? 61  LYS A NZ  1 
ATOM   469 N  N   . ALA A 1 62 ? -5.163  -11.576 3.281   1.00 22.62 ? 62  ALA A N   1 
ATOM   470 C  CA  . ALA A 1 62 ? -4.247  -12.452 3.994   1.00 22.90 ? 62  ALA A CA  1 
ATOM   471 C  C   . ALA A 1 62 ? -2.803  -12.089 3.671   1.00 24.23 ? 62  ALA A C   1 
ATOM   472 O  O   . ALA A 1 62 ? -1.954  -12.030 4.560   1.00 23.37 ? 62  ALA A O   1 
ATOM   473 C  CB  . ALA A 1 62 ? -4.516  -13.904 3.624   1.00 22.39 ? 62  ALA A CB  1 
HETATM 474 N  N   . MSE A 1 63 ? -2.524  -11.840 2.397   1.00 23.03 ? 63  MSE A N   1 
HETATM 475 C  CA  . MSE A 1 63 ? -1.170  -11.498 2.001   1.00 24.54 ? 63  MSE A CA  1 
HETATM 476 C  C   . MSE A 1 63 ? -0.767  -10.127 2.518   1.00 22.41 ? 63  MSE A C   1 
HETATM 477 O  O   . MSE A 1 63 ? 0.401   -9.887  2.825   1.00 22.84 ? 63  MSE A O   1 
HETATM 478 C  CB  . MSE A 1 63 ? -1.043  -11.571 0.487   1.00 26.49 ? 63  MSE A CB  1 
HETATM 479 C  CG  . MSE A 1 63 ? -1.333  -12.952 -0.031  1.00 33.11 ? 63  MSE A CG  1 
HETATM 480 SE SE  . MSE A 1 63 ? -0.994  -13.115 -1.897  1.00 44.05 ? 63  MSE A SE  1 
HETATM 481 C  CE  . MSE A 1 63 ? -2.523  -12.154 -2.557  1.00 36.35 ? 63  MSE A CE  1 
ATOM   482 N  N   . GLY A 1 64 ? -1.741  -9.231  2.618   1.00 20.18 ? 64  GLY A N   1 
ATOM   483 C  CA  . GLY A 1 64 ? -1.464  -7.904  3.126   1.00 19.74 ? 64  GLY A CA  1 
ATOM   484 C  C   . GLY A 1 64 ? -1.098  -7.987  4.594   1.00 20.40 ? 64  GLY A C   1 
ATOM   485 O  O   . GLY A 1 64 ? -0.166  -7.330  5.057   1.00 17.32 ? 64  GLY A O   1 
ATOM   486 N  N   . ALA A 1 65 ? -1.846  -8.804  5.329   1.00 20.61 ? 65  ALA A N   1 
ATOM   487 C  CA  . ALA A 1 65 ? -1.613  -8.991  6.755   1.00 24.22 ? 65  ALA A CA  1 
ATOM   488 C  C   . ALA A 1 65 ? -0.240  -9.619  6.988   1.00 24.78 ? 65  ALA A C   1 
ATOM   489 O  O   . ALA A 1 65 ? 0.395   -9.391  8.014   1.00 26.07 ? 65  ALA A O   1 
ATOM   490 C  CB  . ALA A 1 65 ? -2.705  -9.884  7.344   1.00 24.57 ? 65  ALA A CB  1 
ATOM   491 N  N   . LEU A 1 66 ? 0.217   -10.399 6.016   1.00 26.33 ? 66  LEU A N   1 
ATOM   492 C  CA  . LEU A 1 66 ? 1.505   -11.072 6.111   1.00 28.92 ? 66  LEU A CA  1 
ATOM   493 C  C   . LEU A 1 66 ? 2.658   -10.116 5.816   1.00 29.76 ? 66  LEU A C   1 
ATOM   494 O  O   . LEU A 1 66 ? 3.733   -10.219 6.406   1.00 30.71 ? 66  LEU A O   1 
ATOM   495 C  CB  . LEU A 1 66 ? 1.544   -12.237 5.119   1.00 30.98 ? 66  LEU A CB  1 
ATOM   496 C  CG  . LEU A 1 66 ? 2.395   -13.466 5.445   1.00 32.78 ? 66  LEU A CG  1 
ATOM   497 C  CD1 . LEU A 1 66 ? 2.388   -14.392 4.239   1.00 34.53 ? 66  LEU A CD1 1 
ATOM   498 C  CD2 . LEU A 1 66 ? 3.817   -13.060 5.788   1.00 35.12 ? 66  LEU A CD2 1 
ATOM   499 N  N   . LEU A 1 67 ? 2.424   -9.176  4.908   1.00 29.32 ? 67  LEU A N   1 
ATOM   500 C  CA  . LEU A 1 67 ? 3.447   -8.217  4.504   1.00 28.71 ? 67  LEU A CA  1 
ATOM   501 C  C   . LEU A 1 67 ? 3.585   -6.995  5.413   1.00 28.19 ? 67  LEU A C   1 
ATOM   502 O  O   . LEU A 1 67 ? 4.628   -6.343  5.429   1.00 27.13 ? 67  LEU A O   1 
ATOM   503 C  CB  . LEU A 1 67 ? 3.153   -7.755  3.077   1.00 29.51 ? 67  LEU A CB  1 
ATOM   504 C  CG  . LEU A 1 67 ? 3.214   -8.840  2.002   1.00 29.79 ? 67  LEU A CG  1 
ATOM   505 C  CD1 . LEU A 1 67 ? 2.353   -8.456  0.807   1.00 31.23 ? 67  LEU A CD1 1 
ATOM   506 C  CD2 . LEU A 1 67 ? 4.656   -9.042  1.595   1.00 32.28 ? 67  LEU A CD2 1 
ATOM   507 N  N   . ALA A 1 68 ? 2.536   -6.688  6.165   1.00 26.45 ? 68  ALA A N   1 
ATOM   508 C  CA  . ALA A 1 68 ? 2.556   -5.524  7.040   1.00 27.65 ? 68  ALA A CA  1 
ATOM   509 C  C   . ALA A 1 68 ? 3.154   -5.769  8.426   1.00 27.31 ? 68  ALA A C   1 
ATOM   510 O  O   . ALA A 1 68 ? 2.755   -6.692  9.132   1.00 28.29 ? 68  ALA A O   1 
ATOM   511 C  CB  . ALA A 1 68 ? 1.141   -4.969  7.181   1.00 28.21 ? 68  ALA A CB  1 
ATOM   512 N  N   . ASN A 1 69 ? 4.118   -4.936  8.805   1.00 27.63 ? 69  ASN A N   1 
ATOM   513 C  CA  . ASN A 1 69 ? 4.744   -5.046  10.120  1.00 27.05 ? 69  ASN A CA  1 
ATOM   514 C  C   . ASN A 1 69 ? 3.719   -4.542  11.131  1.00 27.36 ? 69  ASN A C   1 
ATOM   515 O  O   . ASN A 1 69 ? 3.357   -3.366  11.134  1.00 26.48 ? 69  ASN A O   1 
ATOM   516 C  CB  . ASN A 1 69 ? 6.032   -4.211  10.173  1.00 25.50 ? 69  ASN A CB  1 
ATOM   517 C  CG  . ASN A 1 69 ? 6.621   -4.125  11.570  1.00 27.51 ? 69  ASN A CG  1 
ATOM   518 O  OD1 . ASN A 1 69 ? 6.260   -3.249  12.359  1.00 28.82 ? 69  ASN A OD1 1 
ATOM   519 N  ND2 . ASN A 1 69 ? 7.525   -5.044  11.886  1.00 25.23 ? 69  ASN A ND2 1 
ATOM   520 N  N   . PRO A 1 70 ? 3.230   -5.441  12.000  1.00 29.03 ? 70  PRO A N   1 
ATOM   521 C  CA  . PRO A 1 70 ? 2.237   -5.202  13.052  1.00 27.89 ? 70  PRO A CA  1 
ATOM   522 C  C   . PRO A 1 70 ? 2.366   -3.896  13.835  1.00 27.75 ? 70  PRO A C   1 
ATOM   523 O  O   . PRO A 1 70 ? 1.374   -3.203  14.082  1.00 26.83 ? 70  PRO A O   1 
ATOM   524 C  CB  . PRO A 1 70 ? 2.409   -6.418  13.959  1.00 29.98 ? 70  PRO A CB  1 
ATOM   525 C  CG  . PRO A 1 70 ? 2.758   -7.487  12.993  1.00 28.01 ? 70  PRO A CG  1 
ATOM   526 C  CD  . PRO A 1 70 ? 3.773   -6.809  12.110  1.00 28.78 ? 70  PRO A CD  1 
ATOM   527 N  N   . VAL A 1 71 ? 3.589   -3.570  14.231  1.00 26.96 ? 71  VAL A N   1 
ATOM   528 C  CA  . VAL A 1 71 ? 3.855   -2.372  15.019  1.00 25.94 ? 71  VAL A CA  1 
ATOM   529 C  C   . VAL A 1 71 ? 4.000   -1.078  14.220  1.00 24.56 ? 71  VAL A C   1 
ATOM   530 O  O   . VAL A 1 71 ? 3.532   -0.022  14.628  1.00 24.36 ? 71  VAL A O   1 
ATOM   531 C  CB  . VAL A 1 71 ? 5.149   -2.568  15.858  1.00 27.08 ? 71  VAL A CB  1 
ATOM   532 C  CG1 . VAL A 1 71 ? 5.624   -1.240  16.427  1.00 26.89 ? 71  VAL A CG1 1 
ATOM   533 C  CG2 . VAL A 1 71 ? 4.892   -3.574  16.982  1.00 26.17 ? 71  VAL A CG2 1 
HETATM 534 N  N   . MSE A 1 72 ? 4.642   -1.184  13.070  1.00 24.40 ? 72  MSE A N   1 
HETATM 535 C  CA  . MSE A 1 72 ? 4.954   -0.043  12.221  1.00 23.39 ? 72  MSE A CA  1 
HETATM 536 C  C   . MSE A 1 72 ? 3.963   0.289   11.103  1.00 21.57 ? 72  MSE A C   1 
HETATM 537 O  O   . MSE A 1 72 ? 3.746   1.463   10.781  1.00 17.74 ? 72  MSE A O   1 
HETATM 538 C  CB  . MSE A 1 72 ? 6.322   -0.321  11.597  1.00 26.09 ? 72  MSE A CB  1 
HETATM 539 C  CG  . MSE A 1 72 ? 7.283   0.824   11.487  1.00 30.69 ? 72  MSE A CG  1 
HETATM 540 SE SE  . MSE A 1 72 ? 9.036   0.029   11.184  1.00 36.60 ? 72  MSE A SE  1 
HETATM 541 C  CE  . MSE A 1 72 ? 8.724   -0.727  9.493   1.00 30.92 ? 72  MSE A CE  1 
ATOM   542 N  N   . GLU A 1 73 ? 3.352   -0.740  10.525  1.00 18.61 ? 73  GLU A N   1 
ATOM   543 C  CA  . GLU A 1 73 ? 2.486   -0.538  9.378   1.00 19.46 ? 73  GLU A CA  1 
ATOM   544 C  C   . GLU A 1 73 ? 1.062   -1.082  9.405   1.00 20.33 ? 73  GLU A C   1 
ATOM   545 O  O   . GLU A 1 73 ? 0.659   -1.822  10.300  1.00 18.36 ? 73  GLU A O   1 
ATOM   546 C  CB  . GLU A 1 73 ? 3.193   -1.126  8.154   1.00 21.01 ? 73  GLU A CB  1 
ATOM   547 C  CG  . GLU A 1 73 ? 4.706   -0.870  8.121   1.00 23.52 ? 73  GLU A CG  1 
ATOM   548 C  CD  . GLU A 1 73 ? 5.438   -1.784  7.152   1.00 24.66 ? 73  GLU A CD  1 
ATOM   549 O  OE1 . GLU A 1 73 ? 5.260   -3.013  7.255   1.00 21.10 ? 73  GLU A OE1 1 
ATOM   550 O  OE2 . GLU A 1 73 ? 6.191   -1.274  6.292   1.00 26.86 ? 73  GLU A OE2 1 
ATOM   551 N  N   . VAL A 1 74 ? 0.313   -0.682  8.385   1.00 19.63 ? 74  VAL A N   1 
ATOM   552 C  CA  . VAL A 1 74 ? -1.049  -1.135  8.162   1.00 19.01 ? 74  VAL A CA  1 
ATOM   553 C  C   . VAL A 1 74 ? -1.079  -1.398  6.670   1.00 19.84 ? 74  VAL A C   1 
ATOM   554 O  O   . VAL A 1 74 ? -0.322  -0.785  5.911   1.00 19.36 ? 74  VAL A O   1 
ATOM   555 C  CB  . VAL A 1 74 ? -2.115  -0.056  8.487   1.00 20.33 ? 74  VAL A CB  1 
ATOM   556 C  CG1 . VAL A 1 74 ? -2.113  0.255   9.971   1.00 22.74 ? 74  VAL A CG1 1 
ATOM   557 C  CG2 . VAL A 1 74 ? -1.855  1.201   7.682   1.00 22.80 ? 74  VAL A CG2 1 
ATOM   558 N  N   . TYR A 1 75 ? -1.916  -2.325  6.232   1.00 17.71 ? 75  TYR A N   1 
ATOM   559 C  CA  . TYR A 1 75 ? -1.994  -2.570  4.808   1.00 18.42 ? 75  TYR A CA  1 
ATOM   560 C  C   . TYR A 1 75 ? -3.367  -2.107  4.374   1.00 18.03 ? 75  TYR A C   1 
ATOM   561 O  O   . TYR A 1 75 ? -4.226  -1.818  5.204   1.00 18.50 ? 75  TYR A O   1 
ATOM   562 C  CB  . TYR A 1 75 ? -1.812  -4.052  4.488   1.00 18.17 ? 75  TYR A CB  1 
ATOM   563 C  CG  . TYR A 1 75 ? -3.014  -4.909  4.812   1.00 22.95 ? 75  TYR A CG  1 
ATOM   564 C  CD1 . TYR A 1 75 ? -4.105  -4.976  3.943   1.00 23.10 ? 75  TYR A CD1 1 
ATOM   565 C  CD2 . TYR A 1 75 ? -3.063  -5.650  5.990   1.00 22.47 ? 75  TYR A CD2 1 
ATOM   566 C  CE1 . TYR A 1 75 ? -5.215  -5.763  4.239   1.00 24.20 ? 75  TYR A CE1 1 
ATOM   567 C  CE2 . TYR A 1 75 ? -4.171  -6.440  6.296   1.00 26.06 ? 75  TYR A CE2 1 
ATOM   568 C  CZ  . TYR A 1 75 ? -5.241  -6.490  5.416   1.00 25.14 ? 75  TYR A CZ  1 
ATOM   569 O  OH  . TYR A 1 75 ? -6.334  -7.264  5.720   1.00 28.52 ? 75  TYR A OH  1 
ATOM   570 N  N   . ALA A 1 76 ? -3.572  -2.040  3.072   1.00 18.21 ? 76  ALA A N   1 
ATOM   571 C  CA  . ALA A 1 76 ? -4.860  -1.637  2.543   1.00 16.93 ? 76  ALA A CA  1 
ATOM   572 C  C   . ALA A 1 76 ? -5.017  -2.207  1.152   1.00 15.63 ? 76  ALA A C   1 
ATOM   573 O  O   . ALA A 1 76 ? -4.136  -2.053  0.302   1.00 17.35 ? 76  ALA A O   1 
ATOM   574 C  CB  . ALA A 1 76 ? -4.965  -0.126  2.505   1.00 18.08 ? 76  ALA A CB  1 
ATOM   575 N  N   . LEU A 1 77 ? -6.127  -2.900  0.937   1.00 15.99 ? 77  LEU A N   1 
ATOM   576 C  CA  . LEU A 1 77 ? -6.422  -3.462  -0.367  1.00 15.98 ? 77  LEU A CA  1 
ATOM   577 C  C   . LEU A 1 77 ? -7.020  -2.280  -1.118  1.00 15.73 ? 77  LEU A C   1 
ATOM   578 O  O   . LEU A 1 77 ? -8.221  -2.035  -1.049  1.00 15.45 ? 77  LEU A O   1 
ATOM   579 C  CB  . LEU A 1 77 ? -7.441  -4.595  -0.243  1.00 15.23 ? 77  LEU A CB  1 
ATOM   580 C  CG  . LEU A 1 77 ? -7.755  -5.371  -1.523  1.00 15.37 ? 77  LEU A CG  1 
ATOM   581 C  CD1 . LEU A 1 77 ? -6.467  -5.912  -2.160  1.00 11.71 ? 77  LEU A CD1 1 
ATOM   582 C  CD2 . LEU A 1 77 ? -8.706  -6.509  -1.172  1.00 18.06 ? 77  LEU A CD2 1 
ATOM   583 N  N   . GLU A 1 78 ? -6.159  -1.532  -1.799  1.00 16.10 ? 78  GLU A N   1 
ATOM   584 C  CA  . GLU A 1 78 ? -6.566  -0.347  -2.546  1.00 14.77 ? 78  GLU A CA  1 
ATOM   585 C  C   . GLU A 1 78 ? -7.444  -0.696  -3.738  1.00 14.15 ? 78  GLU A C   1 
ATOM   586 O  O   . GLU A 1 78 ? -8.357  0.050   -4.087  1.00 15.51 ? 78  GLU A O   1 
ATOM   587 C  CB  . GLU A 1 78 ? -5.327  0.414   -3.041  1.00 17.03 ? 78  GLU A CB  1 
ATOM   588 C  CG  . GLU A 1 78 ? -5.638  1.775   -3.663  1.00 17.42 ? 78  GLU A CG  1 
ATOM   589 C  CD  . GLU A 1 78 ? -5.989  2.825   -2.622  1.00 20.38 ? 78  GLU A CD  1 
ATOM   590 O  OE1 . GLU A 1 78 ? -6.478  2.450   -1.537  1.00 20.18 ? 78  GLU A OE1 1 
ATOM   591 O  OE2 . GLU A 1 78 ? -5.785  4.027   -2.889  1.00 22.95 ? 78  GLU A OE2 1 
ATOM   592 N  N   . ALA A 1 79 ? -7.158  -1.827  -4.369  1.00 13.30 ? 79  ALA A N   1 
ATOM   593 C  CA  . ALA A 1 79 ? -7.919  -2.248  -5.531  1.00 13.93 ? 79  ALA A CA  1 
ATOM   594 C  C   . ALA A 1 79 ? -7.807  -3.746  -5.763  1.00 14.66 ? 79  ALA A C   1 
ATOM   595 O  O   . ALA A 1 79 ? -6.813  -4.383  -5.400  1.00 14.53 ? 79  ALA A O   1 
ATOM   596 C  CB  . ALA A 1 79 ? -7.439  -1.492  -6.776  1.00 15.53 ? 79  ALA A CB  1 
ATOM   597 N  N   . LEU A 1 80 ? -8.845  -4.297  -6.375  1.00 13.09 ? 80  LEU A N   1 
ATOM   598 C  CA  . LEU A 1 80 ? -8.906  -5.716  -6.677  1.00 16.04 ? 80  LEU A CA  1 
ATOM   599 C  C   . LEU A 1 80 ? -9.751  -5.879  -7.934  1.00 17.59 ? 80  LEU A C   1 
ATOM   600 O  O   . LEU A 1 80 ? -10.900 -5.445  -7.977  1.00 19.02 ? 80  LEU A O   1 
ATOM   601 C  CB  . LEU A 1 80 ? -9.548  -6.471  -5.509  1.00 15.32 ? 80  LEU A CB  1 
ATOM   602 C  CG  . LEU A 1 80 ? -9.684  -7.981  -5.709  1.00 17.37 ? 80  LEU A CG  1 
ATOM   603 C  CD1 . LEU A 1 80 ? -8.305  -8.614  -5.686  1.00 16.77 ? 80  LEU A CD1 1 
ATOM   604 C  CD2 . LEU A 1 80 ? -10.577 -8.578  -4.608  1.00 17.13 ? 80  LEU A CD2 1 
ATOM   605 N  N   . LYS A 1 81 ? -9.188  -6.494  -8.964  1.00 19.20 ? 81  LYS A N   1 
ATOM   606 C  CA  . LYS A 1 81 ? -9.945  -6.683  -10.190 1.00 21.04 ? 81  LYS A CA  1 
ATOM   607 C  C   . LYS A 1 81 ? -9.586  -7.971  -10.906 1.00 19.50 ? 81  LYS A C   1 
ATOM   608 O  O   . LYS A 1 81 ? -8.470  -8.476  -10.803 1.00 18.85 ? 81  LYS A O   1 
ATOM   609 C  CB  . LYS A 1 81 ? -9.735  -5.489  -11.133 1.00 22.75 ? 81  LYS A CB  1 
ATOM   610 C  CG  . LYS A 1 81 ? -8.309  -5.325  -11.628 1.00 26.86 ? 81  LYS A CG  1 
ATOM   611 C  CD  . LYS A 1 81 ? -8.216  -4.230  -12.695 1.00 30.29 ? 81  LYS A CD  1 
ATOM   612 C  CE  . LYS A 1 81 ? -6.840  -4.206  -13.347 1.00 31.68 ? 81  LYS A CE  1 
ATOM   613 N  NZ  . LYS A 1 81 ? -6.828  -3.390  -14.599 1.00 35.13 ? 81  LYS A NZ  1 
ATOM   614 N  N   . GLU A 1 82 ? -10.553 -8.512  -11.630 1.00 19.89 ? 82  GLU A N   1 
ATOM   615 C  CA  . GLU A 1 82 ? -10.322 -9.731  -12.383 1.00 18.44 ? 82  GLU A CA  1 
ATOM   616 C  C   . GLU A 1 82 ? -9.502  -9.315  -13.594 1.00 19.57 ? 82  GLU A C   1 
ATOM   617 O  O   . GLU A 1 82 ? -9.694  -8.220  -14.130 1.00 18.11 ? 82  GLU A O   1 
ATOM   618 C  CB  . GLU A 1 82 ? -11.655 -10.334 -12.836 1.00 18.61 ? 82  GLU A CB  1 
ATOM   619 C  CG  . GLU A 1 82 ? -11.540 -11.726 -13.420 1.00 17.34 ? 82  GLU A CG  1 
ATOM   620 C  CD  . GLU A 1 82 ? -12.891 -12.330 -13.749 1.00 18.15 ? 82  GLU A CD  1 
ATOM   621 O  OE1 . GLU A 1 82 ? -13.902 -11.858 -13.200 1.00 22.37 ? 82  GLU A OE1 1 
ATOM   622 O  OE2 . GLU A 1 82 ? -12.937 -13.286 -14.545 1.00 22.66 ? 82  GLU A OE2 1 
ATOM   623 N  N   . LEU A 1 83 ? -8.570  -10.167 -14.007 1.00 17.40 ? 83  LEU A N   1 
ATOM   624 C  CA  . LEU A 1 83 ? -7.751  -9.865  -15.169 1.00 18.80 ? 83  LEU A CA  1 
ATOM   625 C  C   . LEU A 1 83 ? -8.326  -10.634 -16.349 1.00 19.14 ? 83  LEU A C   1 
ATOM   626 O  O   . LEU A 1 83 ? -8.983  -11.655 -16.164 1.00 17.39 ? 83  LEU A O   1 
ATOM   627 C  CB  . LEU A 1 83 ? -6.297  -10.278 -14.934 1.00 17.55 ? 83  LEU A CB  1 
ATOM   628 C  CG  . LEU A 1 83 ? -5.561  -9.497  -13.842 1.00 18.76 ? 83  LEU A CG  1 
ATOM   629 C  CD1 . LEU A 1 83 ? -4.174  -10.092 -13.628 1.00 19.10 ? 83  LEU A CD1 1 
ATOM   630 C  CD2 . LEU A 1 83 ? -5.458  -8.037  -14.238 1.00 18.31 ? 83  LEU A CD2 1 
ATOM   631 N  N   . PRO A 1 84 ? -8.095  -10.148 -17.577 1.00 21.03 ? 84  PRO A N   1 
ATOM   632 C  CA  . PRO A 1 84 ? -8.632  -10.858 -18.740 1.00 21.51 ? 84  PRO A CA  1 
ATOM   633 C  C   . PRO A 1 84 ? -8.129  -12.299 -18.738 1.00 23.18 ? 84  PRO A C   1 
ATOM   634 O  O   . PRO A 1 84 ? -7.026  -12.535 -18.195 1.00 24.37 ? 84  PRO A O   1 
ATOM   635 C  CB  . PRO A 1 84 ? -8.089  -10.055 -19.924 1.00 22.08 ? 84  PRO A CB  1 
ATOM   636 C  CG  . PRO A 1 84 ? -7.921  -8.671  -19.356 1.00 22.66 ? 84  PRO A CG  1 
ATOM   637 C  CD  . PRO A 1 84 ? -7.340  -8.949  -17.989 1.00 22.02 ? 84  PRO A CD  1 
ATOM   638 O  OXT . PRO A 1 84 ? -8.833  -13.167 -19.281 1.00 22.16 ? 84  PRO A OXT 1 
HETATM 639 O  O   . HOH B 2 .  ? -9.090  -14.260 -15.193 1.00 14.54 ? 85  HOH A O   1 
HETATM 640 O  O   . HOH B 2 .  ? 3.714   5.287   4.797   1.00 18.93 ? 86  HOH A O   1 
HETATM 641 O  O   . HOH B 2 .  ? -6.524  -14.742 -17.020 1.00 19.52 ? 87  HOH A O   1 
HETATM 642 O  O   . HOH B 2 .  ? -12.195 -7.013  -14.253 1.00 27.83 ? 88  HOH A O   1 
HETATM 643 O  O   . HOH B 2 .  ? -13.319 -7.451  -11.059 1.00 32.36 ? 89  HOH A O   1 
HETATM 644 O  O   . HOH B 2 .  ? -11.016 -2.536  -6.821  1.00 26.35 ? 90  HOH A O   1 
HETATM 645 O  O   . HOH B 2 .  ? -5.575  -4.265  -8.758  1.00 17.43 ? 91  HOH A O   1 
HETATM 646 O  O   . HOH B 2 .  ? 2.215   5.964   2.283   1.00 36.37 ? 92  HOH A O   1 
HETATM 647 O  O   . HOH B 2 .  ? 5.560   1.155   4.744   1.00 24.00 ? 93  HOH A O   1 
HETATM 648 O  O   . HOH B 2 .  ? 8.856   2.086   -0.509  1.00 32.87 ? 94  HOH A O   1 
HETATM 649 O  O   . HOH B 2 .  ? 9.219   -2.432  6.137   1.00 47.90 ? 95  HOH A O   1 
HETATM 650 O  O   . HOH B 2 .  ? -8.318  -2.839  3.000   1.00 31.16 ? 96  HOH A O   1 
HETATM 651 O  O   . HOH B 2 .  ? -10.829 -4.389  2.277   1.00 41.61 ? 97  HOH A O   1 
HETATM 652 O  O   . HOH B 2 .  ? -14.517 -12.576 -10.545 1.00 22.57 ? 98  HOH A O   1 
HETATM 653 O  O   . HOH B 2 .  ? 4.791   -10.997 8.658   1.00 31.15 ? 99  HOH A O   1 
HETATM 654 O  O   . HOH B 2 .  ? -7.299  -2.020  -10.500 1.00 29.98 ? 100 HOH A O   1 
HETATM 655 O  O   . HOH B 2 .  ? -2.492  0.032   -10.206 1.00 27.16 ? 101 HOH A O   1 
HETATM 656 O  O   . HOH B 2 .  ? 9.144   2.649   2.540   1.00 41.54 ? 102 HOH A O   1 
HETATM 657 O  O   . HOH B 2 .  ? -15.157 -19.384 -2.017  1.00 36.45 ? 103 HOH A O   1 
HETATM 658 O  O   . HOH B 2 .  ? 6.580   -4.922  3.572   1.00 21.01 ? 104 HOH A O   1 
HETATM 659 O  O   . HOH B 2 .  ? 1.782   -15.521 10.045  1.00 37.90 ? 105 HOH A O   1 
HETATM 660 O  O   . HOH B 2 .  ? 3.325   -10.101 10.562  1.00 42.00 ? 106 HOH A O   1 
HETATM 661 O  O   . HOH B 2 .  ? -0.110  6.642   4.495   1.00 33.73 ? 107 HOH A O   1 
HETATM 662 O  O   . HOH B 2 .  ? -9.149  -6.024  -16.013 1.00 36.48 ? 108 HOH A O   1 
HETATM 663 O  O   . HOH B 2 .  ? -6.914  -5.112  -16.837 1.00 35.72 ? 109 HOH A O   1 
HETATM 664 O  O   . HOH B 2 .  ? -5.016  -6.358  -17.865 1.00 39.35 ? 110 HOH A O   1 
HETATM 665 O  O   . HOH B 2 .  ? -3.347  -9.148  -17.910 1.00 40.60 ? 111 HOH A O   1 
HETATM 666 O  O   . HOH B 2 .  ? -11.443 -15.381 -16.151 1.00 40.02 ? 112 HOH A O   1 
HETATM 667 O  O   . HOH B 2 .  ? -9.013  -4.173  5.401   1.00 37.80 ? 113 HOH A O   1 
HETATM 668 O  O   . HOH B 2 .  ? -13.529 -4.841  -8.993  1.00 62.31 ? 114 HOH A O   1 
HETATM 669 O  O   . HOH B 2 .  ? -15.233 -7.718  -13.997 1.00 47.07 ? 115 HOH A O   1 
HETATM 670 O  O   . HOH B 2 .  ? 3.391   8.133   9.327   1.00 29.39 ? 116 HOH A O   1 
HETATM 671 O  O   . HOH B 2 .  ? -2.005  19.047  6.579   1.00 40.08 ? 117 HOH A O   1 
HETATM 672 O  O   . HOH B 2 .  ? -1.191  20.409  8.774   1.00 40.40 ? 118 HOH A O   1 
HETATM 673 O  O   . HOH B 2 .  ? 2.268   20.530  7.461   1.00 50.15 ? 119 HOH A O   1 
# 
